data_6MAF
#
_entry.id   6MAF
#
_cell.length_a   113.152
_cell.length_b   113.152
_cell.length_c   115.001
_cell.angle_alpha   90.00
_cell.angle_beta   90.00
_cell.angle_gamma   120.00
#
_symmetry.space_group_name_H-M   'P 32'
#
loop_
_entity.id
_entity.type
_entity.pdbx_description
1 polymer 'BbvCI endonuclease subunit 1'
2 polymer 'BbvCI endonuclease subunit 2'
#
loop_
_entity_poly.entity_id
_entity_poly.type
_entity_poly.pdbx_seq_one_letter_code
_entity_poly.pdbx_strand_id
1 'polypeptide(L)'
;MINEDFFIYEQLSHKKNLEQKGKNAFDEETEELVRQAKSGYHAFIEGINYDEVTKLDLNSSVAALEDYISIAKEIEKKHK
MFNWRSDYAGSIIPEFLYRIVHVATVKAGLKPIFSTRNTIIEISGAAHREGLQIRRKNEDFALGFHEVDVKIASESHRVI
SLAVACEVKTNIDKNKLNGLDFSAERMKRTYPGSAYFLITETLDFSPDENHSSGLIDEIYVLRKQVRTKNRVQKAPLCPS
VFAELLEDILEISYRASNVKGHVYDRLEGGKLIRV
;
A,B
2 'polypeptide(L)'
;MFNQFNPLVYTHGGKLERKSKKDKTASKVFEEFGVMEAYNCWKEASLCIQQRDKDSVLKLVAALNTYKDAVEPIFDSRLN
SAQEVLQPSILEEFFEYLFSRIDSIVGVNIPIRHPAKGYLSLSFNPHNIETLIQSPEYTVRAKDHDFIIGGSAKLTIQGH
GGEGETTNIVVPAVAIECKRYLERNMLDECAGTAERLKRATPYCLYFVVAEYLKLDDGAPELTEIDEIYILRHQRNSERN
KPGFKPNPIDGELIWDLYQEVMNHLGKIWWDPNSALQRGKVFNRP
;
C,D
#
# COMPACT_ATOMS: atom_id res chain seq x y z
N PHE A 6 17.03 17.94 -25.58
CA PHE A 6 16.96 19.34 -25.06
C PHE A 6 17.94 19.58 -23.91
N PHE A 7 18.67 20.69 -24.02
CA PHE A 7 19.66 21.16 -23.04
C PHE A 7 18.93 21.96 -21.96
N ILE A 8 18.29 21.27 -21.00
CA ILE A 8 17.54 21.95 -19.93
C ILE A 8 18.39 22.38 -18.71
N TYR A 9 18.67 23.68 -18.68
CA TYR A 9 19.06 24.34 -17.46
C TYR A 9 17.78 25.01 -16.97
N GLU A 10 17.10 24.37 -16.02
CA GLU A 10 15.90 24.95 -15.40
C GLU A 10 16.23 26.30 -14.73
N GLN A 11 17.39 26.38 -14.08
CA GLN A 11 17.83 27.62 -13.46
C GLN A 11 18.27 28.74 -14.41
N LEU A 12 19.06 28.42 -15.42
CA LEU A 12 19.49 29.47 -16.39
C LEU A 12 18.31 29.94 -17.22
N SER A 13 17.41 29.02 -17.60
CA SER A 13 16.14 29.42 -18.21
C SER A 13 15.37 30.38 -17.28
N HIS A 14 15.41 30.11 -15.97
CA HIS A 14 14.87 31.02 -14.96
C HIS A 14 15.53 32.40 -15.02
N LYS A 15 16.85 32.42 -15.21
CA LYS A 15 17.56 33.69 -15.39
C LYS A 15 17.13 34.42 -16.68
N LYS A 16 17.10 33.68 -17.79
CA LYS A 16 16.55 34.17 -19.06
C LYS A 16 15.22 34.86 -18.79
N ASN A 17 14.33 34.21 -18.03
CA ASN A 17 12.99 34.73 -17.78
C ASN A 17 12.94 35.93 -16.81
N LEU A 18 13.72 35.89 -15.74
CA LEU A 18 13.74 36.98 -14.73
C LEU A 18 14.28 38.28 -15.32
N GLU A 19 15.38 38.17 -16.07
CA GLU A 19 15.97 39.33 -16.75
C GLU A 19 15.03 39.97 -17.80
N GLN A 20 14.32 39.12 -18.54
CA GLN A 20 13.42 39.53 -19.60
C GLN A 20 12.18 40.26 -19.08
N LYS A 21 11.57 39.72 -18.01
CA LYS A 21 10.37 40.31 -17.40
C LYS A 21 10.69 41.47 -16.46
N GLY A 22 11.84 41.40 -15.79
CA GLY A 22 12.23 42.36 -14.75
C GLY A 22 12.42 43.81 -15.19
N LYS A 23 13.66 44.13 -15.57
CA LYS A 23 14.22 45.49 -15.73
C LYS A 23 14.99 45.92 -14.45
N ASN A 24 14.28 46.08 -13.34
CA ASN A 24 14.90 46.39 -12.04
C ASN A 24 15.75 45.20 -11.58
N ALA A 25 15.18 44.01 -11.66
CA ALA A 25 15.93 42.76 -11.46
C ALA A 25 17.12 42.62 -12.43
N PHE A 26 16.93 43.06 -13.69
CA PHE A 26 18.02 43.02 -14.69
C PHE A 26 19.18 43.96 -14.36
N ASP A 27 18.88 45.21 -13.94
CA ASP A 27 19.93 46.11 -13.48
C ASP A 27 20.66 45.51 -12.28
N GLU A 28 19.90 44.90 -11.37
CA GLU A 28 20.45 44.17 -10.22
C GLU A 28 21.40 43.03 -10.64
N GLU A 29 20.99 42.17 -11.59
CA GLU A 29 21.88 41.10 -12.10
C GLU A 29 23.25 41.63 -12.56
N THR A 30 23.22 42.66 -13.41
CA THR A 30 24.43 43.28 -13.98
C THR A 30 25.32 43.87 -12.88
N GLU A 31 24.74 44.69 -11.99
CA GLU A 31 25.48 45.27 -10.85
C GLU A 31 25.94 44.24 -9.81
N GLU A 32 25.11 43.23 -9.53
CA GLU A 32 25.41 42.20 -8.54
C GLU A 32 26.31 41.08 -9.08
N LEU A 33 26.60 41.13 -10.39
CA LEU A 33 27.50 40.19 -11.07
C LEU A 33 26.90 38.76 -11.10
N VAL A 34 25.58 38.66 -11.22
CA VAL A 34 24.87 37.38 -11.04
C VAL A 34 25.11 36.37 -12.18
N ARG A 35 24.80 36.77 -13.42
CA ARG A 35 25.09 35.94 -14.61
C ARG A 35 26.58 35.57 -14.67
N GLN A 36 27.46 36.56 -14.39
CA GLN A 36 28.91 36.39 -14.29
C GLN A 36 29.30 35.38 -13.20
N ALA A 37 28.75 35.58 -12.00
CA ALA A 37 28.99 34.73 -10.84
C ALA A 37 28.60 33.28 -11.12
N LYS A 38 27.47 33.10 -11.80
CA LYS A 38 27.02 31.79 -12.27
C LYS A 38 27.94 31.25 -13.36
N SER A 39 28.30 32.10 -14.32
CA SER A 39 29.21 31.70 -15.39
C SER A 39 30.58 31.24 -14.86
N GLY A 40 31.11 31.95 -13.85
CA GLY A 40 32.36 31.57 -13.17
C GLY A 40 32.26 30.20 -12.53
N TYR A 41 31.16 30.00 -11.82
CA TYR A 41 30.78 28.71 -11.24
C TYR A 41 30.59 27.61 -12.33
N HIS A 42 29.83 27.93 -13.37
CA HIS A 42 29.45 27.00 -14.45
C HIS A 42 30.68 26.51 -15.22
N ALA A 43 31.60 27.44 -15.46
CA ALA A 43 32.90 27.17 -16.10
C ALA A 43 33.85 26.32 -15.25
N PHE A 44 33.88 26.57 -13.93
CA PHE A 44 34.74 25.76 -13.05
C PHE A 44 34.31 24.28 -12.99
N ILE A 45 33.00 24.04 -12.91
CA ILE A 45 32.44 22.68 -13.08
C ILE A 45 32.77 22.10 -14.45
N GLU A 46 32.65 22.92 -15.51
CA GLU A 46 32.97 22.49 -16.89
C GLU A 46 34.42 21.95 -17.03
N GLY A 47 35.35 22.50 -16.23
CA GLY A 47 36.70 21.94 -16.07
C GLY A 47 36.69 20.49 -15.60
N ILE A 48 35.81 20.19 -14.66
CA ILE A 48 35.50 18.84 -14.21
C ILE A 48 34.68 18.14 -15.32
N ASN A 49 35.35 17.25 -16.05
CA ASN A 49 34.78 16.51 -17.20
C ASN A 49 34.26 15.12 -16.79
N TYR A 50 34.23 14.16 -17.73
CA TYR A 50 33.83 12.77 -17.40
C TYR A 50 34.92 11.94 -16.76
N ASP A 51 36.14 12.00 -17.32
CA ASP A 51 37.30 11.35 -16.72
C ASP A 51 37.43 11.84 -15.29
N GLU A 52 36.98 13.08 -15.10
CA GLU A 52 36.93 13.75 -13.82
C GLU A 52 35.55 13.65 -13.12
N VAL A 53 34.95 12.45 -13.13
CA VAL A 53 33.71 12.14 -12.37
C VAL A 53 33.95 10.91 -11.50
N THR A 54 36.88 11.83 -10.68
CA THR A 54 37.04 10.98 -9.50
C THR A 54 36.43 11.63 -8.25
N LYS A 55 36.63 11.00 -7.10
CA LYS A 55 36.30 11.54 -5.77
C LYS A 55 36.79 12.99 -5.60
N LEU A 56 38.05 13.22 -6.00
CA LEU A 56 38.67 14.54 -6.01
C LEU A 56 37.86 15.56 -6.82
N ASP A 57 37.39 15.16 -8.01
CA ASP A 57 36.64 16.05 -8.87
C ASP A 57 35.26 16.42 -8.37
N LEU A 58 34.59 15.44 -7.74
CA LEU A 58 33.29 15.68 -7.13
C LEU A 58 33.41 16.73 -6.02
N ASN A 59 34.47 16.65 -5.20
CA ASN A 59 34.72 17.66 -4.17
C ASN A 59 35.02 19.08 -4.70
N SER A 60 35.83 19.16 -5.76
CA SER A 60 36.19 20.42 -6.44
C SER A 60 34.95 21.14 -6.97
N SER A 61 34.07 20.36 -7.60
CA SER A 61 32.78 20.85 -8.08
C SER A 61 31.89 21.40 -6.96
N VAL A 62 31.85 20.70 -5.82
CA VAL A 62 31.04 21.09 -4.65
C VAL A 62 31.57 22.39 -4.02
N ALA A 63 32.88 22.54 -3.95
CA ALA A 63 33.52 23.77 -3.47
C ALA A 63 33.06 24.98 -4.29
N ALA A 64 33.10 24.83 -5.62
CA ALA A 64 32.64 25.87 -6.56
C ALA A 64 31.14 26.14 -6.41
N LEU A 65 30.37 25.06 -6.17
CA LEU A 65 28.93 25.17 -5.95
C LEU A 65 28.62 26.06 -4.75
N GLU A 66 29.34 25.84 -3.64
CA GLU A 66 29.11 26.63 -2.45
C GLU A 66 29.48 28.09 -2.66
N ASP A 67 30.57 28.34 -3.39
CA ASP A 67 30.97 29.70 -3.77
C ASP A 67 29.81 30.39 -4.44
N TYR A 68 29.21 29.71 -5.42
CA TYR A 68 28.10 30.31 -6.13
C TYR A 68 26.84 30.50 -5.26
N ILE A 69 26.45 29.44 -4.54
CA ILE A 69 25.21 29.46 -3.76
C ILE A 69 25.29 30.49 -2.60
N SER A 70 26.50 30.68 -2.06
CA SER A 70 26.77 31.70 -1.06
C SER A 70 26.54 33.09 -1.62
N ILE A 71 26.95 33.28 -2.88
CA ILE A 71 26.77 34.59 -3.55
C ILE A 71 25.32 34.79 -4.05
N ALA A 72 24.69 33.73 -4.55
CA ALA A 72 23.26 33.70 -4.88
C ALA A 72 22.34 34.06 -3.71
N LYS A 73 22.51 33.37 -2.59
CA LYS A 73 21.70 33.61 -1.39
C LYS A 73 21.70 35.10 -1.01
N GLU A 74 22.89 35.69 -0.85
CA GLU A 74 23.03 37.09 -0.42
C GLU A 74 22.26 38.12 -1.29
N ILE A 75 22.21 37.90 -2.60
CA ILE A 75 21.42 38.80 -3.47
C ILE A 75 19.92 38.79 -3.19
N GLU A 76 19.35 37.59 -3.00
CA GLU A 76 17.95 37.40 -2.59
C GLU A 76 17.74 37.86 -1.14
N LYS A 77 18.72 37.56 -0.30
CA LYS A 77 18.66 37.84 1.15
C LYS A 77 19.37 39.15 1.51
N LYS A 78 18.92 40.25 0.90
CA LYS A 78 19.45 41.58 1.19
C LYS A 78 18.33 42.62 1.18
N HIS A 79 18.20 43.37 0.09
CA HIS A 79 17.15 44.36 -0.10
C HIS A 79 16.71 44.36 -1.56
N LYS A 80 16.92 43.25 -2.24
CA LYS A 80 16.67 43.12 -3.67
C LYS A 80 16.12 41.73 -4.09
N MET A 81 14.83 41.41 -3.90
CA MET A 81 13.86 42.06 -3.00
C MET A 81 12.75 41.08 -2.57
N PHE A 82 11.89 40.67 -3.52
CA PHE A 82 10.65 39.89 -3.24
C PHE A 82 10.62 38.47 -3.89
N ASN A 83 10.14 38.38 -5.13
CA ASN A 83 10.02 37.07 -5.85
C ASN A 83 11.39 36.48 -6.18
N TRP A 84 11.95 35.77 -5.19
CA TRP A 84 13.34 35.28 -5.23
C TRP A 84 13.49 33.97 -4.42
N ARG A 85 12.37 33.36 -4.03
CA ARG A 85 12.29 32.16 -3.14
C ARG A 85 12.65 30.81 -3.79
N SER A 86 11.63 29.94 -3.92
CA SER A 86 11.71 28.67 -4.65
C SER A 86 11.41 28.98 -6.12
N ASP A 87 12.39 29.64 -6.73
CA ASP A 87 12.26 30.27 -8.03
C ASP A 87 13.62 30.27 -8.64
N TYR A 88 14.57 30.79 -7.85
CA TYR A 88 15.91 31.10 -8.28
C TYR A 88 16.90 30.20 -7.57
N ALA A 89 17.18 30.50 -6.30
CA ALA A 89 18.09 29.68 -5.49
C ALA A 89 17.55 28.26 -5.36
N GLY A 90 16.23 28.16 -5.18
CA GLY A 90 15.53 26.88 -5.11
C GLY A 90 15.44 26.16 -6.45
N SER A 91 16.50 26.31 -7.24
CA SER A 91 16.72 25.60 -8.49
C SER A 91 18.17 25.72 -8.93
N ILE A 92 19.11 25.30 -8.08
CA ILE A 92 20.53 25.39 -8.44
C ILE A 92 21.10 23.99 -8.38
N ILE A 93 20.54 23.20 -7.46
CA ILE A 93 20.97 21.85 -7.07
C ILE A 93 20.21 20.74 -7.84
N PRO A 94 19.00 21.07 -8.37
CA PRO A 94 18.23 20.22 -9.29
C PRO A 94 18.67 20.20 -10.76
N GLU A 95 19.97 20.43 -10.97
CA GLU A 95 20.59 20.35 -12.30
C GLU A 95 21.80 19.42 -12.28
N PHE A 96 22.79 19.79 -11.47
CA PHE A 96 24.17 19.30 -11.52
C PHE A 96 24.58 18.37 -12.68
N LEU A 97 24.91 17.11 -12.37
CA LEU A 97 25.42 16.14 -13.35
C LEU A 97 24.25 15.58 -14.15
N TYR A 98 23.42 16.52 -14.62
CA TYR A 98 22.22 16.27 -15.42
C TYR A 98 22.54 15.41 -16.63
N ARG A 99 23.72 15.58 -17.21
CA ARG A 99 24.15 14.73 -18.29
C ARG A 99 25.36 13.91 -17.87
N ILE A 100 25.18 12.60 -17.97
CA ILE A 100 26.29 11.66 -17.87
C ILE A 100 26.96 11.52 -19.23
N VAL A 101 27.56 10.36 -19.47
CA VAL A 101 28.51 10.17 -20.55
C VAL A 101 28.62 8.67 -20.82
N HIS A 102 28.72 7.93 -19.72
CA HIS A 102 29.06 6.52 -19.69
C HIS A 102 27.98 5.70 -20.39
N VAL A 103 26.85 5.46 -19.71
CA VAL A 103 25.67 4.87 -20.33
C VAL A 103 24.96 5.94 -21.17
N ALA A 104 24.57 7.02 -20.50
CA ALA A 104 23.74 8.09 -21.07
C ALA A 104 22.75 7.62 -22.15
N THR A 105 21.75 6.83 -21.73
CA THR A 105 20.67 6.35 -22.62
C THR A 105 19.95 7.52 -23.25
N VAL A 106 19.19 8.24 -22.40
CA VAL A 106 18.42 9.44 -22.73
C VAL A 106 17.95 10.12 -21.43
N LYS A 107 16.75 9.76 -20.99
CA LYS A 107 15.93 10.41 -19.93
C LYS A 107 14.54 10.67 -20.49
N ALA A 108 13.89 11.70 -19.92
CA ALA A 108 12.64 12.29 -20.39
C ALA A 108 12.21 13.45 -19.46
N GLY A 109 13.18 14.29 -19.11
CA GLY A 109 12.92 15.56 -18.43
C GLY A 109 12.66 15.46 -16.95
N LEU A 110 12.35 16.61 -16.33
CA LEU A 110 12.24 16.70 -14.87
C LEU A 110 10.82 16.49 -14.32
N LYS A 111 9.89 16.14 -15.21
CA LYS A 111 8.48 15.86 -14.85
C LYS A 111 8.20 14.39 -15.10
N PRO A 112 7.29 13.76 -14.33
CA PRO A 112 6.82 12.44 -14.76
C PRO A 112 5.30 12.22 -14.76
N ILE A 113 4.82 11.50 -15.76
CA ILE A 113 3.39 11.14 -15.87
C ILE A 113 2.97 10.28 -14.68
N PHE A 114 2.20 10.89 -13.77
CA PHE A 114 1.78 10.26 -12.52
C PHE A 114 0.82 9.06 -12.67
N SER A 115 -0.36 9.26 -13.26
CA SER A 115 -1.34 8.18 -13.60
C SER A 115 -2.58 8.77 -14.33
N THR A 116 -3.67 8.00 -14.39
CA THR A 116 -4.91 8.44 -15.05
C THR A 116 -6.22 8.03 -14.33
N ARG A 117 -7.24 8.88 -14.47
CA ARG A 117 -8.60 8.61 -13.99
C ARG A 117 -9.64 8.92 -15.08
N ASN A 118 -10.87 8.41 -14.93
CA ASN A 118 -11.95 8.65 -15.90
C ASN A 118 -13.01 9.62 -15.40
N THR A 119 -13.38 10.56 -16.27
CA THR A 119 -14.31 11.64 -15.92
C THR A 119 -15.18 12.10 -17.12
N ILE A 120 -16.07 11.24 -17.58
CA ILE A 120 -16.99 11.58 -18.67
C ILE A 120 -18.29 12.26 -18.20
N ILE A 121 -18.75 13.23 -18.99
CA ILE A 121 -20.02 13.94 -18.77
C ILE A 121 -21.27 13.06 -19.02
N GLU A 122 -21.31 12.40 -20.19
CA GLU A 122 -22.53 11.79 -20.71
C GLU A 122 -22.27 10.40 -21.29
N ILE A 123 -23.35 9.61 -21.43
CA ILE A 123 -23.33 8.30 -22.09
C ILE A 123 -22.91 8.40 -23.57
N SER A 124 -23.49 9.36 -24.28
CA SER A 124 -23.16 9.63 -25.69
C SER A 124 -21.71 10.11 -25.82
N GLY A 125 -21.30 11.00 -24.91
CA GLY A 125 -19.92 11.48 -24.80
C GLY A 125 -18.90 10.39 -24.50
N ALA A 126 -19.31 9.38 -23.73
CA ALA A 126 -18.47 8.22 -23.44
C ALA A 126 -18.17 7.41 -24.70
N ALA A 127 -19.17 7.24 -25.56
CA ALA A 127 -19.01 6.57 -26.85
C ALA A 127 -18.20 7.42 -27.84
N HIS A 128 -18.49 8.72 -27.89
CA HIS A 128 -17.81 9.72 -28.74
C HIS A 128 -16.30 9.78 -28.44
N ARG A 129 -15.94 10.28 -27.25
CA ARG A 129 -14.58 10.22 -26.69
C ARG A 129 -14.69 10.50 -25.18
N GLU A 130 -14.40 9.48 -24.36
CA GLU A 130 -14.56 9.62 -22.91
C GLU A 130 -13.46 10.50 -22.30
N GLY A 131 -13.87 11.41 -21.42
CA GLY A 131 -12.97 12.29 -20.71
C GLY A 131 -12.13 11.50 -19.74
N LEU A 132 -10.84 11.80 -19.73
CA LEU A 132 -9.90 11.29 -18.75
C LEU A 132 -9.18 12.47 -18.09
N GLN A 133 -8.50 12.19 -16.98
CA GLN A 133 -7.61 13.15 -16.37
C GLN A 133 -6.30 12.43 -16.07
N ILE A 134 -5.30 12.72 -16.90
CA ILE A 134 -3.97 12.14 -16.78
C ILE A 134 -3.04 13.14 -16.10
N ARG A 135 -2.46 12.69 -14.97
CA ARG A 135 -1.68 13.56 -14.09
C ARG A 135 -0.23 13.64 -14.55
N ARG A 136 0.41 14.75 -14.23
CA ARG A 136 1.87 14.88 -14.22
C ARG A 136 2.30 16.03 -13.32
N LYS A 137 2.98 15.66 -12.23
CA LYS A 137 3.52 16.67 -11.32
C LYS A 137 4.85 17.25 -11.85
N ASN A 138 5.17 18.47 -11.40
CA ASN A 138 6.48 19.08 -11.67
C ASN A 138 7.46 18.83 -10.51
N GLU A 139 8.16 17.70 -10.54
CA GLU A 139 9.23 17.39 -9.57
C GLU A 139 10.50 18.18 -9.90
N ASP A 140 11.38 18.33 -8.90
CA ASP A 140 12.64 19.06 -9.03
C ASP A 140 13.53 18.52 -10.17
N PHE A 141 13.91 17.25 -10.10
CA PHE A 141 14.72 16.62 -11.15
C PHE A 141 14.29 15.17 -11.40
N ALA A 142 14.14 14.81 -12.67
CA ALA A 142 13.88 13.42 -13.03
C ALA A 142 14.87 12.93 -14.07
N LEU A 143 15.37 11.72 -13.86
CA LEU A 143 16.11 10.98 -14.90
C LEU A 143 15.30 9.71 -15.25
N GLY A 144 15.03 9.54 -16.53
CA GLY A 144 14.24 8.39 -17.01
C GLY A 144 15.04 7.31 -17.71
N PHE A 145 14.44 6.12 -17.83
CA PHE A 145 14.97 5.01 -18.63
C PHE A 145 14.74 5.28 -20.10
N HIS A 146 13.55 5.81 -20.42
CA HIS A 146 13.17 6.36 -21.73
C HIS A 146 11.74 6.88 -21.77
N GLU A 147 11.40 5.12 -26.36
CA GLU A 147 10.52 5.79 -25.40
C GLU A 147 9.21 6.26 -26.00
N VAL A 148 8.23 6.48 -25.13
CA VAL A 148 6.94 7.03 -25.53
C VAL A 148 6.79 8.50 -25.16
N ASP A 149 4.55 8.05 -27.33
CA ASP A 149 3.50 8.79 -26.65
C ASP A 149 2.32 7.85 -26.38
N VAL A 150 1.27 8.35 -25.72
CA VAL A 150 0.05 7.56 -25.48
C VAL A 150 -1.17 8.18 -26.19
N LYS A 151 -2.09 7.33 -26.63
CA LYS A 151 -3.37 7.76 -27.15
C LYS A 151 -4.50 7.01 -26.45
N ILE A 152 -5.54 7.75 -26.07
CA ILE A 152 -6.74 7.15 -25.50
C ILE A 152 -7.92 7.80 -26.23
N ALA A 153 -8.65 6.98 -26.99
CA ALA A 153 -9.76 7.42 -27.86
C ALA A 153 -9.43 8.69 -28.68
N SER A 154 -8.31 8.63 -29.40
CA SER A 154 -7.73 9.77 -30.15
C SER A 154 -7.35 10.99 -29.29
N GLU A 155 -7.01 10.74 -28.03
CA GLU A 155 -6.46 11.77 -27.14
C GLU A 155 -5.04 11.37 -26.81
N SER A 156 -4.09 12.16 -27.29
CA SER A 156 -2.68 11.81 -27.21
C SER A 156 -1.92 12.65 -26.19
N HIS A 157 -1.06 11.98 -25.42
CA HIS A 157 -0.30 12.63 -24.35
C HIS A 157 1.14 12.12 -24.24
N ARG A 158 2.05 13.09 -24.28
CA ARG A 158 3.49 12.88 -24.40
C ARG A 158 4.17 12.83 -23.03
N VAL A 159 4.96 9.85 -23.32
CA VAL A 159 5.08 9.39 -21.95
C VAL A 159 6.52 9.43 -21.46
N ILE A 160 6.69 9.90 -20.23
CA ILE A 160 7.97 9.84 -19.55
C ILE A 160 7.94 8.66 -18.59
N SER A 161 8.89 7.75 -18.72
CA SER A 161 9.00 6.67 -17.73
C SER A 161 10.30 6.82 -17.00
N LEU A 162 10.21 7.01 -15.69
CA LEU A 162 11.37 7.44 -14.91
C LEU A 162 12.04 6.35 -14.09
N ALA A 163 13.36 6.49 -14.00
CA ALA A 163 14.26 5.71 -13.17
C ALA A 163 14.47 6.34 -11.79
N VAL A 164 14.63 7.66 -11.76
CA VAL A 164 14.85 8.41 -10.53
C VAL A 164 14.05 9.73 -10.52
N ALA A 165 13.77 10.20 -9.31
CA ALA A 165 13.02 11.41 -9.13
C ALA A 165 13.59 11.96 -7.85
N CYS A 166 13.56 13.27 -7.68
CA CYS A 166 14.09 13.90 -6.49
C CYS A 166 13.40 15.21 -6.28
N GLU A 167 13.25 15.59 -5.02
CA GLU A 167 13.01 16.98 -4.68
C GLU A 167 14.28 17.49 -4.03
N VAL A 168 14.50 18.79 -4.16
CA VAL A 168 15.54 19.46 -3.39
C VAL A 168 14.88 20.56 -2.57
N LYS A 169 15.11 20.52 -1.26
CA LYS A 169 14.61 21.52 -0.33
C LYS A 169 15.76 22.08 0.50
N THR A 170 15.55 23.24 1.11
CA THR A 170 16.52 23.76 2.08
C THR A 170 16.51 22.96 3.42
N ASN A 171 15.31 22.69 3.94
CA ASN A 171 15.08 21.99 5.24
C ASN A 171 13.83 21.09 5.30
N ILE A 172 13.93 19.95 6.00
CA ILE A 172 12.79 19.01 6.11
C ILE A 172 12.19 18.95 7.54
N ASP A 173 10.93 19.34 7.69
CA ASP A 173 10.14 19.09 8.93
C ASP A 173 9.24 17.83 8.82
N LYS A 174 8.63 17.42 9.93
CA LYS A 174 7.80 16.19 10.03
C LYS A 174 6.54 16.12 9.13
N ASN A 175 5.67 17.13 9.24
CA ASN A 175 4.42 17.17 8.47
C ASN A 175 4.64 17.23 6.95
N LYS A 176 5.67 17.95 6.50
CA LYS A 176 6.09 17.96 5.08
C LYS A 176 6.58 16.56 4.65
N LEU A 177 7.32 15.89 5.53
CA LEU A 177 7.83 14.56 5.23
C LEU A 177 6.68 13.57 4.97
N ASN A 178 5.61 13.67 5.76
CA ASN A 178 4.36 12.90 5.56
C ASN A 178 3.75 13.07 4.14
N GLY A 179 3.67 14.31 3.67
CA GLY A 179 3.14 14.63 2.33
C GLY A 179 4.05 14.18 1.20
N LEU A 180 5.36 14.24 1.46
CA LEU A 180 6.42 13.72 0.60
C LEU A 180 6.30 12.19 0.46
N ASP A 181 5.97 11.53 1.57
CA ASP A 181 5.63 10.10 1.61
C ASP A 181 4.41 9.83 0.72
N PHE A 182 3.38 10.67 0.80
CA PHE A 182 2.20 10.51 -0.06
C PHE A 182 2.55 10.57 -1.57
N SER A 183 3.40 11.53 -1.94
CA SER A 183 3.81 11.70 -3.34
C SER A 183 4.48 10.42 -3.87
N ALA A 184 5.37 9.86 -3.07
CA ALA A 184 6.12 8.65 -3.39
C ALA A 184 5.27 7.41 -3.59
N GLU A 185 4.16 7.29 -2.87
CA GLU A 185 3.25 6.14 -3.03
C GLU A 185 2.66 6.10 -4.45
N ARG A 186 2.25 7.28 -4.92
CA ARG A 186 1.68 7.48 -6.25
C ARG A 186 2.70 7.11 -7.33
N MET A 187 3.94 7.57 -7.10
CA MET A 187 5.07 7.37 -7.99
C MET A 187 5.41 5.90 -8.23
N LYS A 188 5.50 5.18 -7.12
CA LYS A 188 5.82 3.76 -7.11
C LYS A 188 4.72 2.94 -7.79
N ARG A 189 3.46 3.37 -7.62
CA ARG A 189 2.30 2.77 -8.30
C ARG A 189 2.42 2.83 -9.82
N THR A 190 2.78 4.01 -10.33
CA THR A 190 2.98 4.20 -11.76
C THR A 190 4.21 3.43 -12.23
N TYR A 191 5.33 3.61 -11.53
CA TYR A 191 6.63 3.09 -11.96
C TYR A 191 7.35 2.27 -10.90
N PRO A 192 7.10 0.93 -10.90
CA PRO A 192 7.53 -0.05 -9.87
C PRO A 192 8.98 0.05 -9.45
N GLY A 193 9.88 -0.09 -10.42
CA GLY A 193 11.33 -0.12 -10.19
C GLY A 193 11.89 1.18 -9.65
N SER A 194 11.31 2.31 -10.06
CA SER A 194 11.87 3.64 -9.84
C SER A 194 12.31 3.95 -8.40
N ALA A 195 13.48 4.58 -8.30
CA ALA A 195 13.95 5.14 -7.04
C ALA A 195 13.40 6.55 -6.83
N TYR A 196 13.08 6.86 -5.59
CA TYR A 196 12.70 8.21 -5.23
C TYR A 196 13.71 8.68 -4.20
N PHE A 197 14.37 9.80 -4.48
CA PHE A 197 15.23 10.41 -3.47
C PHE A 197 14.62 11.71 -2.96
N LEU A 198 15.02 12.11 -1.76
CA LEU A 198 14.69 13.41 -1.24
C LEU A 198 16.04 13.95 -0.83
N ILE A 199 16.34 15.19 -1.22
CA ILE A 199 17.63 15.77 -0.89
C ILE A 199 17.41 17.08 -0.19
N THR A 200 18.04 17.26 0.95
CA THR A 200 17.94 18.52 1.64
C THR A 200 19.28 18.87 2.20
N GLU A 201 19.44 20.13 2.56
CA GLU A 201 20.68 20.59 3.17
C GLU A 201 20.69 20.21 4.64
N THR A 202 19.68 20.69 5.35
CA THR A 202 19.66 20.60 6.79
C THR A 202 18.36 19.99 7.25
N LEU A 203 18.40 19.41 8.44
CA LEU A 203 17.30 18.63 8.94
C LEU A 203 16.67 19.30 10.14
N ASP A 204 15.35 19.45 10.10
CA ASP A 204 14.60 19.95 11.25
C ASP A 204 13.48 18.97 11.64
N PHE A 205 13.88 17.86 12.27
CA PHE A 205 12.94 16.92 12.86
C PHE A 205 12.38 17.52 14.15
N SER A 206 11.15 18.04 14.06
CA SER A 206 10.52 18.79 15.16
C SER A 206 10.20 17.88 16.36
N PRO A 207 9.40 16.80 16.16
CA PRO A 207 9.53 15.72 17.15
C PRO A 207 10.78 14.88 16.89
N ASP A 208 11.41 14.42 17.97
CA ASP A 208 12.61 13.57 17.88
C ASP A 208 12.30 12.18 17.30
N GLU A 209 11.05 11.74 17.48
CA GLU A 209 10.44 10.55 16.85
C GLU A 209 10.95 10.25 15.43
N ASN A 210 11.38 9.01 15.21
CA ASN A 210 12.04 8.64 13.96
C ASN A 210 11.10 8.39 12.79
N HIS A 211 11.67 8.43 11.59
CA HIS A 211 10.92 8.81 10.40
C HIS A 211 10.70 7.71 9.39
N SER A 212 9.81 8.02 8.46
CA SER A 212 9.15 7.04 7.62
C SER A 212 10.04 6.44 6.55
N SER A 213 10.48 5.23 6.87
CA SER A 213 11.33 4.39 6.02
C SER A 213 10.68 4.02 4.67
N GLY A 214 9.46 3.47 4.76
CA GLY A 214 8.67 3.01 3.61
C GLY A 214 8.49 3.97 2.43
N LEU A 215 8.87 3.49 1.25
CA LEU A 215 8.64 4.14 -0.08
C LEU A 215 9.55 5.33 -0.45
N ILE A 216 10.26 5.87 0.54
CA ILE A 216 11.29 6.85 0.28
C ILE A 216 12.60 6.09 0.22
N ASP A 217 13.21 6.05 -0.96
CA ASP A 217 14.30 5.11 -1.19
C ASP A 217 15.63 5.62 -0.69
N GLU A 218 15.72 6.93 -0.47
CA GLU A 218 16.78 7.54 0.35
C GLU A 218 16.49 9.00 0.64
N ILE A 219 16.93 9.48 1.79
CA ILE A 219 16.99 10.93 2.01
C ILE A 219 18.46 11.22 2.23
N TYR A 220 18.91 12.36 1.71
CA TYR A 220 20.30 12.81 1.81
C TYR A 220 20.38 14.15 2.48
N VAL A 221 21.31 14.28 3.42
CA VAL A 221 21.62 15.60 4.00
C VAL A 221 22.95 16.20 3.50
N LEU A 222 22.83 17.19 2.61
CA LEU A 222 23.96 17.84 1.96
C LEU A 222 24.85 18.58 2.94
N ARG A 223 24.25 19.20 3.95
CA ARG A 223 25.05 19.85 5.00
C ARG A 223 25.46 18.92 6.14
N LYS A 224 24.83 17.73 6.24
CA LYS A 224 24.97 16.82 7.39
C LYS A 224 24.59 17.54 8.71
N GLN A 225 24.14 18.79 8.58
CA GLN A 225 23.74 19.69 9.67
C GLN A 225 22.56 19.16 10.47
N VAL A 226 22.82 19.00 11.75
CA VAL A 226 21.88 18.46 12.73
C VAL A 226 20.53 19.20 12.66
N ARG A 227 20.54 20.51 12.90
CA ARG A 227 19.31 21.32 12.97
C ARG A 227 19.41 22.56 12.07
N THR A 228 18.29 22.89 11.44
CA THR A 228 18.13 24.11 10.63
C THR A 228 18.25 25.35 11.50
N LYS A 229 17.73 25.25 12.72
CA LYS A 229 17.63 26.38 13.65
C LYS A 229 18.97 27.08 13.85
N ASN A 230 20.04 26.29 13.95
CA ASN A 230 21.43 26.78 13.95
C ASN A 230 21.64 27.88 12.90
N ARG A 231 21.42 27.52 11.63
CA ARG A 231 21.50 28.45 10.49
C ARG A 231 20.50 29.61 10.61
N VAL A 232 19.24 29.31 10.90
CA VAL A 232 18.17 30.32 11.07
C VAL A 232 18.49 31.34 12.17
N GLN A 233 18.86 30.84 13.35
CA GLN A 233 19.31 31.66 14.46
C GLN A 233 20.53 32.46 14.01
N LYS A 234 20.35 33.78 13.94
CA LYS A 234 21.42 34.70 13.56
C LYS A 234 22.51 34.69 14.64
N ALA A 235 23.60 33.99 14.35
CA ALA A 235 24.60 33.58 15.34
C ALA A 235 25.92 33.10 14.68
N PRO A 236 26.96 32.81 15.49
CA PRO A 236 28.15 32.06 15.04
C PRO A 236 27.91 30.81 14.15
N LEU A 237 26.83 30.05 14.40
CA LEU A 237 26.57 28.76 13.70
C LEU A 237 26.43 28.87 12.18
N CYS A 238 27.37 28.25 11.46
CA CYS A 238 27.35 28.21 9.99
C CYS A 238 27.62 26.78 9.46
N PRO A 239 26.67 26.27 8.67
CA PRO A 239 26.73 24.97 7.98
C PRO A 239 27.85 24.87 6.95
N SER A 240 28.11 23.66 6.45
CA SER A 240 29.08 23.44 5.36
C SER A 240 28.55 22.41 4.34
N VAL A 241 28.51 22.77 3.05
CA VAL A 241 28.10 21.82 1.99
C VAL A 241 29.27 20.89 1.74
N PHE A 242 29.11 19.65 2.20
CA PHE A 242 30.22 18.70 2.22
C PHE A 242 30.17 17.82 0.99
N ALA A 243 31.32 17.77 0.32
CA ALA A 243 31.50 17.04 -0.92
C ALA A 243 31.25 15.52 -0.83
N GLU A 244 31.59 14.96 0.34
CA GLU A 244 31.42 13.54 0.62
C GLU A 244 29.94 13.14 0.57
N LEU A 245 29.07 14.04 1.03
CA LEU A 245 27.61 13.83 0.95
C LEU A 245 27.07 13.77 -0.48
N LEU A 246 27.63 14.61 -1.35
CA LEU A 246 27.20 14.66 -2.75
C LEU A 246 27.85 13.54 -3.56
N GLU A 247 29.00 13.06 -3.09
CA GLU A 247 29.74 11.95 -3.71
C GLU A 247 28.97 10.62 -3.69
N ASP A 248 28.20 10.40 -2.62
CA ASP A 248 27.49 9.12 -2.38
C ASP A 248 26.10 9.06 -3.03
N ILE A 249 25.85 10.02 -3.92
CA ILE A 249 24.66 10.05 -4.75
C ILE A 249 25.10 9.50 -6.13
N LEU A 250 25.82 8.39 -6.10
CA LEU A 250 26.12 7.60 -7.28
C LEU A 250 25.17 6.43 -7.34
N GLU A 251 24.38 6.29 -6.27
CA GLU A 251 23.35 5.28 -6.19
C GLU A 251 22.41 5.39 -7.40
N ILE A 252 22.00 6.62 -7.69
CA ILE A 252 21.17 7.00 -8.85
C ILE A 252 21.78 6.57 -10.20
N SER A 253 23.05 6.95 -10.38
CA SER A 253 23.76 6.64 -11.63
C SER A 253 23.83 5.13 -11.80
N TYR A 254 24.30 4.44 -10.74
CA TYR A 254 24.38 2.98 -10.73
C TYR A 254 23.05 2.28 -11.09
N ARG A 255 21.94 2.73 -10.51
CA ARG A 255 20.63 2.12 -10.78
C ARG A 255 20.18 2.30 -12.24
N ALA A 256 20.32 3.53 -12.73
CA ALA A 256 19.96 3.89 -14.11
C ALA A 256 20.67 2.97 -15.12
N SER A 257 21.99 2.88 -14.98
CA SER A 257 22.88 2.04 -15.80
C SER A 257 22.45 0.58 -15.81
N ASN A 258 22.05 0.09 -14.63
CA ASN A 258 21.69 -1.30 -14.44
C ASN A 258 20.51 -1.70 -15.33
N VAL A 259 19.53 -0.80 -15.47
CA VAL A 259 18.31 -1.13 -16.24
C VAL A 259 18.52 -1.17 -17.77
N LYS A 260 19.45 -0.37 -18.28
CA LYS A 260 19.84 -0.44 -19.70
C LYS A 260 20.09 -1.90 -20.13
N GLY A 261 21.06 -2.54 -19.48
CA GLY A 261 21.43 -3.91 -19.79
C GLY A 261 20.43 -4.95 -19.30
N HIS A 262 19.35 -5.13 -20.05
CA HIS A 262 18.39 -6.22 -19.80
C HIS A 262 18.87 -7.55 -20.42
N VAL A 263 19.52 -8.38 -19.60
CA VAL A 263 19.97 -9.73 -20.01
C VAL A 263 19.54 -10.81 -18.98
N TYR A 264 20.31 -11.90 -18.86
CA TYR A 264 20.05 -12.99 -17.91
C TYR A 264 20.61 -12.69 -16.51
N PHE B 6 -23.18 -7.69 -26.00
CA PHE B 6 -23.06 -9.17 -26.10
C PHE B 6 -23.75 -9.88 -24.94
N PHE B 7 -24.53 -10.90 -25.29
CA PHE B 7 -25.29 -11.75 -24.36
C PHE B 7 -24.35 -12.87 -23.85
N ILE B 8 -23.48 -12.55 -22.88
CA ILE B 8 -22.54 -13.55 -22.35
C ILE B 8 -23.09 -14.46 -21.23
N TYR B 9 -23.42 -15.68 -21.62
CA TYR B 9 -23.54 -16.77 -20.69
C TYR B 9 -22.20 -17.51 -20.79
N GLU B 10 -21.31 -17.24 -19.85
CA GLU B 10 -20.02 -17.95 -19.79
C GLU B 10 -20.24 -19.46 -19.63
N GLN B 11 -21.21 -19.85 -18.82
CA GLN B 11 -21.54 -21.26 -18.63
C GLN B 11 -22.23 -21.95 -19.80
N LEU B 12 -23.23 -21.32 -20.42
CA LEU B 12 -23.91 -21.93 -21.58
C LEU B 12 -22.98 -21.99 -22.78
N SER B 13 -22.16 -20.96 -22.97
CA SER B 13 -21.07 -21.04 -23.95
C SER B 13 -20.15 -22.23 -23.66
N HIS B 14 -19.88 -22.48 -22.38
CA HIS B 14 -19.15 -23.68 -21.94
C HIS B 14 -19.87 -24.96 -22.36
N LYS B 15 -21.19 -24.97 -22.25
CA LYS B 15 -21.98 -26.11 -22.74
C LYS B 15 -21.88 -26.28 -24.26
N LYS B 16 -22.07 -25.18 -24.99
CA LYS B 16 -21.84 -25.12 -26.43
C LYS B 16 -20.50 -25.80 -26.75
N ASN B 17 -19.45 -25.44 -26.02
CA ASN B 17 -18.10 -25.95 -26.29
C ASN B 17 -17.88 -27.41 -25.89
N LEU B 18 -18.41 -27.83 -24.74
CA LEU B 18 -18.23 -29.21 -24.24
C LEU B 18 -18.94 -30.22 -25.14
N GLU B 19 -20.18 -29.90 -25.52
CA GLU B 19 -20.97 -30.73 -26.45
C GLU B 19 -20.32 -30.89 -27.84
N GLN B 20 -19.75 -29.78 -28.33
CA GLN B 20 -19.13 -29.70 -29.65
C GLN B 20 -17.84 -30.53 -29.74
N LYS B 21 -16.98 -30.40 -28.72
CA LYS B 21 -15.71 -31.12 -28.67
C LYS B 21 -15.86 -32.57 -28.20
N GLY B 22 -16.81 -32.82 -27.29
CA GLY B 22 -16.99 -34.11 -26.64
C GLY B 22 -17.34 -35.30 -27.53
N LYS B 23 -18.65 -35.50 -27.71
CA LYS B 23 -19.29 -36.72 -28.24
C LYS B 23 -19.78 -37.64 -27.11
N ASN B 24 -18.85 -38.18 -26.31
CA ASN B 24 -19.20 -38.99 -25.15
C ASN B 24 -19.87 -38.11 -24.09
N ALA B 25 -19.28 -36.95 -23.82
CA ALA B 25 -19.91 -35.90 -23.01
C ALA B 25 -21.28 -35.45 -23.57
N PHE B 26 -21.39 -35.37 -24.90
CA PHE B 26 -22.67 -35.01 -25.55
C PHE B 26 -23.77 -36.05 -25.35
N ASP B 27 -23.43 -37.33 -25.52
CA ASP B 27 -24.41 -38.40 -25.23
C ASP B 27 -24.82 -38.34 -23.76
N GLU B 28 -23.85 -38.09 -22.88
CA GLU B 28 -24.11 -37.88 -21.45
C GLU B 28 -25.07 -36.71 -21.18
N GLU B 29 -24.84 -35.54 -21.79
CA GLU B 29 -25.78 -34.39 -21.64
C GLU B 29 -27.24 -34.76 -21.96
N THR B 30 -27.44 -35.39 -23.13
CA THR B 30 -28.77 -35.78 -23.62
C THR B 30 -29.42 -36.80 -22.65
N GLU B 31 -28.70 -37.86 -22.30
CA GLU B 31 -29.20 -38.87 -21.34
C GLU B 31 -29.38 -38.34 -19.90
N GLU B 32 -28.45 -37.48 -19.45
CA GLU B 32 -28.48 -36.92 -18.09
C GLU B 32 -29.43 -35.72 -17.96
N LEU B 33 -30.00 -35.28 -19.09
CA LEU B 33 -31.00 -34.18 -19.14
C LEU B 33 -30.36 -32.84 -18.75
N VAL B 34 -29.09 -32.64 -19.11
CA VAL B 34 -28.30 -31.49 -18.61
C VAL B 34 -28.74 -30.14 -19.19
N ARG B 35 -28.73 -30.02 -20.52
CA ARG B 35 -29.23 -28.81 -21.21
C ARG B 35 -30.68 -28.51 -20.80
N GLN B 36 -31.51 -29.57 -20.73
CA GLN B 36 -32.90 -29.52 -20.26
C GLN B 36 -33.00 -29.02 -18.82
N ALA B 37 -32.22 -29.65 -17.94
CA ALA B 37 -32.15 -29.31 -16.52
C ALA B 37 -31.78 -27.85 -16.29
N LYS B 38 -30.81 -27.38 -17.09
CA LYS B 38 -30.42 -25.96 -17.11
C LYS B 38 -31.54 -25.09 -17.68
N SER B 39 -32.15 -25.53 -18.79
CA SER B 39 -33.25 -24.79 -19.40
C SER B 39 -34.44 -24.62 -18.44
N GLY B 40 -34.76 -25.68 -17.69
CA GLY B 40 -35.82 -25.67 -16.66
C GLY B 40 -35.53 -24.62 -15.59
N TYR B 41 -34.28 -24.66 -15.12
CA TYR B 41 -33.72 -23.67 -14.19
C TYR B 41 -33.73 -22.24 -14.78
N HIS B 42 -33.24 -22.10 -16.02
CA HIS B 42 -33.06 -20.81 -16.71
C HIS B 42 -34.41 -20.12 -16.94
N ALA B 43 -35.41 -20.94 -17.31
CA ALA B 43 -36.80 -20.49 -17.51
C ALA B 43 -37.49 -20.07 -16.20
N PHE B 44 -37.25 -20.80 -15.10
CA PHE B 44 -37.85 -20.43 -13.81
C PHE B 44 -37.35 -19.07 -13.30
N ILE B 45 -36.05 -18.81 -13.42
CA ILE B 45 -35.48 -17.47 -13.18
C ILE B 45 -36.08 -16.43 -14.12
N GLU B 46 -36.21 -16.77 -15.41
CA GLU B 46 -36.83 -15.87 -16.41
C GLU B 46 -38.24 -15.38 -16.01
N GLY B 47 -38.99 -16.23 -15.30
CA GLY B 47 -40.25 -15.83 -14.64
C GLY B 47 -40.08 -14.67 -13.68
N ILE B 48 -39.00 -14.72 -12.91
CA ILE B 48 -38.54 -13.63 -12.05
C ILE B 48 -37.96 -12.53 -12.97
N ASN B 49 -38.71 -11.45 -13.14
CA ASN B 49 -38.38 -10.31 -14.02
C ASN B 49 -37.73 -9.15 -13.24
N TYR B 50 -37.86 -7.91 -13.71
CA TYR B 50 -37.34 -6.74 -12.98
C TYR B 50 -38.24 -6.26 -11.84
N ASP B 51 -39.54 -6.14 -12.11
CA ASP B 51 -40.52 -5.83 -11.07
C ASP B 51 -40.36 -6.84 -9.94
N GLU B 52 -39.92 -8.03 -10.34
CA GLU B 52 -39.63 -9.13 -9.47
C GLU B 52 -38.13 -9.24 -9.10
N VAL B 53 -37.50 -8.11 -8.76
CA VAL B 53 -36.11 -8.05 -8.24
C VAL B 53 -36.12 -7.26 -6.94
N THR B 54 -38.82 -8.56 -5.92
CA THR B 54 -38.69 -8.23 -4.50
C THR B 54 -37.83 -9.28 -3.76
N LYS B 55 -37.75 -9.14 -2.44
CA LYS B 55 -37.15 -10.14 -1.53
C LYS B 55 -37.66 -11.55 -1.81
N LEU B 56 -38.97 -11.67 -1.99
CA LEU B 56 -39.65 -12.92 -2.35
C LEU B 56 -39.08 -13.51 -3.65
N ASP B 57 -38.87 -12.67 -4.67
CA ASP B 57 -38.36 -13.14 -5.96
C ASP B 57 -36.92 -13.60 -5.94
N LEU B 58 -36.10 -12.91 -5.15
CA LEU B 58 -34.71 -13.31 -4.98
C LEU B 58 -34.62 -14.70 -4.35
N ASN B 59 -35.46 -14.98 -3.36
CA ASN B 59 -35.52 -16.32 -2.77
C ASN B 59 -35.99 -17.45 -3.71
N SER B 60 -37.02 -17.15 -4.51
CA SER B 60 -37.57 -18.08 -5.52
C SER B 60 -36.52 -18.48 -6.56
N SER B 61 -35.75 -17.49 -7.02
CA SER B 61 -34.64 -17.70 -7.92
C SER B 61 -33.55 -18.59 -7.31
N VAL B 62 -33.21 -18.37 -6.04
CA VAL B 62 -32.19 -19.14 -5.30
C VAL B 62 -32.62 -20.61 -5.13
N ALA B 63 -33.89 -20.83 -4.82
CA ALA B 63 -34.46 -22.18 -4.72
C ALA B 63 -34.25 -22.97 -6.01
N ALA B 64 -34.57 -22.33 -7.15
CA ALA B 64 -34.38 -22.90 -8.49
C ALA B 64 -32.90 -23.15 -8.78
N LEU B 65 -32.06 -22.22 -8.33
CA LEU B 65 -30.59 -22.33 -8.50
C LEU B 65 -30.07 -23.59 -7.82
N GLU B 66 -30.51 -23.84 -6.58
CA GLU B 66 -30.06 -25.01 -5.86
C GLU B 66 -30.53 -26.30 -6.52
N ASP B 67 -31.77 -26.30 -7.03
CA ASP B 67 -32.30 -27.44 -7.80
C ASP B 67 -31.35 -27.77 -8.92
N TYR B 68 -30.96 -26.75 -9.68
CA TYR B 68 -30.06 -26.98 -10.78
C TYR B 68 -28.65 -27.42 -10.36
N ILE B 69 -28.05 -26.71 -9.40
CA ILE B 69 -26.67 -26.96 -8.98
C ILE B 69 -26.54 -28.35 -8.32
N SER B 70 -27.61 -28.79 -7.63
CA SER B 70 -27.69 -30.12 -7.05
C SER B 70 -27.66 -31.18 -8.14
N ILE B 71 -28.34 -30.91 -9.26
CA ILE B 71 -28.38 -31.84 -10.39
C ILE B 71 -27.09 -31.79 -11.23
N ALA B 72 -26.54 -30.58 -11.43
CA ALA B 72 -25.22 -30.36 -12.04
C ALA B 72 -24.08 -31.11 -11.33
N LYS B 73 -23.96 -30.90 -10.02
CA LYS B 73 -22.91 -31.54 -9.23
C LYS B 73 -22.89 -33.06 -9.43
N GLU B 74 -24.05 -33.72 -9.26
CA GLU B 74 -24.15 -35.19 -9.37
C GLU B 74 -23.65 -35.77 -10.70
N ILE B 75 -23.87 -35.08 -11.82
CA ILE B 75 -23.35 -35.55 -13.11
C ILE B 75 -21.82 -35.57 -13.19
N GLU B 76 -21.17 -34.51 -12.70
CA GLU B 76 -19.70 -34.45 -12.57
C GLU B 76 -19.19 -35.41 -11.49
N LYS B 77 -19.95 -35.50 -10.39
CA LYS B 77 -19.60 -36.30 -9.22
C LYS B 77 -20.27 -37.68 -9.24
N LYS B 78 -20.02 -38.45 -10.30
CA LYS B 78 -20.56 -39.81 -10.43
C LYS B 78 -19.51 -40.74 -11.07
N HIS B 79 -19.67 -41.00 -12.36
CA HIS B 79 -18.74 -41.82 -13.14
C HIS B 79 -18.62 -41.25 -14.56
N LYS B 80 -18.91 -39.95 -14.68
CA LYS B 80 -18.97 -39.28 -15.98
C LYS B 80 -18.45 -37.82 -15.95
N MET B 81 -17.13 -37.56 -15.93
CA MET B 81 -16.02 -38.48 -15.58
C MET B 81 -14.79 -37.70 -15.07
N PHE B 82 -14.12 -36.93 -15.95
CA PHE B 82 -12.81 -36.29 -15.67
C PHE B 82 -12.83 -34.74 -15.72
N ASN B 83 -12.62 -34.14 -16.91
CA ASN B 83 -12.59 -32.68 -17.07
C ASN B 83 -13.96 -32.03 -16.84
N TRP B 84 -14.26 -31.78 -15.57
CA TRP B 84 -15.59 -31.36 -15.12
C TRP B 84 -15.53 -30.44 -13.88
N ARG B 85 -14.32 -29.95 -13.55
CA ARG B 85 -14.02 -29.15 -12.33
C ARG B 85 -14.48 -27.67 -12.35
N SER B 86 -13.49 -26.76 -12.35
CA SER B 86 -13.68 -25.32 -12.48
C SER B 86 -13.73 -25.01 -13.97
N ASP B 87 -14.84 -25.42 -14.57
CA ASP B 87 -15.02 -25.48 -16.01
C ASP B 87 -16.48 -25.31 -16.26
N TYR B 88 -17.25 -26.14 -15.56
CA TYR B 88 -18.66 -26.33 -15.76
C TYR B 88 -19.34 -25.86 -14.46
N ALA B 89 -19.11 -26.64 -13.41
CA ALA B 89 -19.66 -26.44 -12.09
C ALA B 89 -19.23 -25.08 -11.55
N GLY B 90 -17.96 -24.74 -11.76
CA GLY B 90 -17.38 -23.49 -11.28
C GLY B 90 -17.61 -22.38 -12.27
N SER B 91 -18.83 -22.32 -12.81
CA SER B 91 -19.30 -21.22 -13.64
C SER B 91 -20.82 -21.24 -13.75
N ILE B 92 -21.53 -21.21 -12.63
CA ILE B 92 -22.99 -21.23 -12.65
C ILE B 92 -23.46 -19.99 -11.94
N ILE B 93 -22.67 -19.59 -10.93
CA ILE B 93 -22.94 -18.50 -9.97
C ILE B 93 -22.33 -17.15 -10.43
N PRO B 94 -21.29 -17.20 -11.29
CA PRO B 94 -20.69 -16.04 -11.96
C PRO B 94 -21.46 -15.47 -13.17
N GLU B 95 -22.78 -15.65 -13.17
CA GLU B 95 -23.67 -15.11 -14.21
C GLU B 95 -24.80 -14.31 -13.57
N PHE B 96 -25.60 -15.00 -12.76
CA PHE B 96 -26.94 -14.58 -12.31
C PHE B 96 -27.55 -13.30 -12.91
N LEU B 97 -27.73 -12.28 -12.07
CA LEU B 97 -28.40 -11.01 -12.45
C LEU B 97 -27.42 -10.15 -13.24
N TYR B 98 -26.76 -10.81 -14.20
CA TYR B 98 -25.77 -10.23 -15.11
C TYR B 98 -26.32 -8.98 -15.80
N ARG B 99 -27.61 -8.98 -16.10
CA ARG B 99 -28.23 -7.80 -16.65
C ARG B 99 -29.27 -7.24 -15.70
N ILE B 100 -29.05 -5.98 -15.34
CA ILE B 100 -30.05 -5.19 -14.65
C ILE B 100 -31.01 -4.57 -15.68
N VAL B 101 -31.58 -3.43 -15.33
CA VAL B 101 -32.75 -2.89 -16.00
C VAL B 101 -32.84 -1.41 -15.65
N HIS B 102 -32.64 -1.15 -14.36
CA HIS B 102 -32.91 0.12 -13.73
C HIS B 102 -31.98 1.20 -14.28
N VAL B 103 -30.72 1.21 -13.84
CA VAL B 103 -29.68 2.04 -14.46
C VAL B 103 -29.25 1.39 -15.77
N ALA B 104 -28.77 0.16 -15.68
CA ALA B 104 -28.13 -0.58 -16.78
C ALA B 104 -27.40 0.32 -17.80
N THR B 105 -26.29 0.92 -17.35
CA THR B 105 -25.43 1.74 -18.22
C THR B 105 -24.90 0.92 -19.39
N VAL B 106 -24.02 -0.03 -19.05
CA VAL B 106 -23.39 -1.00 -19.97
C VAL B 106 -22.68 -2.09 -19.15
N LYS B 107 -21.39 -1.88 -18.89
CA LYS B 107 -20.39 -2.85 -18.38
C LYS B 107 -19.17 -2.80 -19.29
N ALA B 108 -18.47 -3.94 -19.31
CA ALA B 108 -17.36 -4.25 -20.21
C ALA B 108 -16.78 -5.66 -19.90
N GLY B 109 -17.70 -6.62 -19.71
CA GLY B 109 -17.35 -8.04 -19.63
C GLY B 109 -16.75 -8.49 -18.32
N LEU B 110 -16.37 -9.76 -18.25
CA LEU B 110 -15.94 -10.39 -16.99
C LEU B 110 -14.43 -10.35 -16.74
N LYS B 111 -13.70 -9.65 -17.62
CA LYS B 111 -12.24 -9.47 -17.49
C LYS B 111 -11.97 -7.99 -17.23
N PRO B 112 -10.88 -7.65 -16.49
CA PRO B 112 -10.45 -6.25 -16.49
C PRO B 112 -8.96 -5.99 -16.75
N ILE B 113 -8.67 -4.92 -17.49
CA ILE B 113 -7.30 -4.49 -17.76
C ILE B 113 -6.58 -4.12 -16.45
N PHE B 114 -5.66 -4.99 -16.04
CA PHE B 114 -4.95 -4.85 -14.76
C PHE B 114 -4.00 -3.65 -14.66
N SER B 115 -2.98 -3.56 -15.54
CA SER B 115 -2.06 -2.39 -15.64
C SER B 115 -1.04 -2.60 -16.78
N THR B 116 0.05 -1.82 -16.79
CA THR B 116 1.10 -1.93 -17.84
C THR B 116 2.54 -1.77 -17.31
N ARG B 117 3.47 -2.46 -17.97
CA ARG B 117 4.93 -2.32 -17.74
C ARG B 117 5.68 -2.16 -19.07
N ASN B 118 6.93 -1.67 -19.01
CA ASN B 118 7.75 -1.48 -20.21
C ASN B 118 8.86 -2.51 -20.35
N THR B 119 8.99 -3.04 -21.56
CA THR B 119 9.93 -4.14 -21.87
C THR B 119 10.49 -4.09 -23.31
N ILE B 120 11.30 -3.06 -23.59
CA ILE B 120 11.94 -2.92 -24.91
C ILE B 120 13.28 -3.68 -25.02
N ILE B 121 13.52 -4.26 -26.20
CA ILE B 121 14.78 -4.94 -26.54
C ILE B 121 15.98 -3.98 -26.72
N GLU B 122 15.78 -2.94 -27.52
CA GLU B 122 16.88 -2.11 -28.04
C GLU B 122 16.55 -0.61 -27.99
N ILE B 123 17.61 0.22 -28.04
CA ILE B 123 17.49 1.69 -28.14
C ILE B 123 16.76 2.12 -29.42
N SER B 124 17.14 1.53 -30.55
CA SER B 124 16.48 1.78 -31.85
C SER B 124 15.03 1.32 -31.82
N GLY B 125 14.80 0.14 -31.26
CA GLY B 125 13.45 -0.41 -31.03
C GLY B 125 12.57 0.44 -30.14
N ALA B 126 13.18 1.10 -29.15
CA ALA B 126 12.47 2.02 -28.27
C ALA B 126 11.92 3.23 -29.04
N ALA B 127 12.71 3.76 -29.95
CA ALA B 127 12.30 4.86 -30.85
C ALA B 127 11.26 4.40 -31.88
N HIS B 128 11.49 3.23 -32.47
CA HIS B 128 10.60 2.59 -33.46
C HIS B 128 9.19 2.35 -32.89
N ARG B 129 9.08 1.43 -31.92
CA ARG B 129 7.88 1.21 -31.09
C ARG B 129 8.30 0.39 -29.87
N GLU B 130 8.24 1.01 -28.68
CA GLU B 130 8.70 0.34 -27.46
C GLU B 130 7.73 -0.75 -27.00
N GLY B 131 8.30 -1.90 -26.64
CA GLY B 131 7.54 -3.02 -26.14
C GLY B 131 6.97 -2.68 -24.77
N LEU B 132 5.69 -3.04 -24.60
CA LEU B 132 5.02 -2.97 -23.31
C LEU B 132 4.42 -4.34 -23.01
N GLN B 133 4.01 -4.53 -21.76
CA GLN B 133 3.24 -5.68 -21.37
C GLN B 133 2.05 -5.18 -20.54
N ILE B 134 0.89 -5.18 -21.18
CA ILE B 134 -0.37 -4.76 -20.57
C ILE B 134 -1.17 -5.98 -20.11
N ARG B 135 -1.46 -6.00 -18.81
CA ARG B 135 -2.06 -7.17 -18.18
C ARG B 135 -3.58 -7.13 -18.30
N ARG B 136 -4.18 -8.32 -18.28
CA ARG B 136 -5.61 -8.49 -18.01
C ARG B 136 -5.89 -9.91 -17.53
N LYS B 137 -6.30 -10.02 -16.27
CA LYS B 137 -6.67 -11.32 -15.71
C LYS B 137 -8.10 -11.71 -16.11
N ASN B 138 -8.37 -13.02 -16.09
CA ASN B 138 -9.73 -13.54 -16.28
C ASN B 138 -10.42 -13.80 -14.93
N GLU B 139 -11.06 -12.77 -14.37
CA GLU B 139 -11.87 -12.89 -13.14
C GLU B 139 -13.21 -13.56 -13.46
N ASP B 140 -13.86 -14.11 -12.42
CA ASP B 140 -15.16 -14.79 -12.54
C ASP B 140 -16.26 -13.91 -13.16
N PHE B 141 -16.54 -12.76 -12.54
CA PHE B 141 -17.54 -11.82 -13.07
C PHE B 141 -17.11 -10.37 -12.85
N ALA B 142 -17.24 -9.56 -13.89
CA ALA B 142 -16.99 -8.12 -13.75
C ALA B 142 -18.16 -7.32 -14.28
N LEU B 143 -18.56 -6.29 -13.52
CA LEU B 143 -19.46 -5.25 -14.02
C LEU B 143 -18.72 -3.92 -14.04
N GLY B 144 -18.72 -3.25 -15.18
CA GLY B 144 -18.00 -1.99 -15.36
C GLY B 144 -18.89 -0.76 -15.40
N PHE B 145 -18.27 0.41 -15.20
CA PHE B 145 -18.91 1.72 -15.40
C PHE B 145 -19.02 2.02 -16.88
N HIS B 146 -17.96 1.71 -17.62
CA HIS B 146 -17.91 1.70 -19.09
C HIS B 146 -16.55 1.28 -19.63
N GLU B 147 -17.15 4.64 -23.20
CA GLU B 147 -16.12 3.70 -22.78
C GLU B 147 -14.98 3.56 -23.78
N VAL B 148 -13.85 3.07 -23.28
CA VAL B 148 -12.70 2.79 -24.14
C VAL B 148 -12.54 1.29 -24.39
N ASP B 149 -10.81 2.62 -26.66
CA ASP B 149 -9.66 1.71 -26.56
C ASP B 149 -8.41 2.53 -26.20
N VAL B 150 -7.27 1.86 -26.04
CA VAL B 150 -5.99 2.56 -25.81
C VAL B 150 -4.98 2.30 -26.95
N LYS B 151 -4.15 3.29 -27.22
CA LYS B 151 -3.04 3.15 -28.15
C LYS B 151 -1.75 3.63 -27.48
N ILE B 152 -0.69 2.85 -27.64
CA ILE B 152 0.63 3.24 -27.18
C ILE B 152 1.59 2.97 -28.33
N ALA B 153 2.17 4.04 -28.88
CA ALA B 153 3.03 4.00 -30.08
C ALA B 153 2.48 3.12 -31.21
N SER B 154 1.23 3.38 -31.60
CA SER B 154 0.45 2.58 -32.56
C SER B 154 0.22 1.11 -32.15
N GLU B 155 0.18 0.86 -30.84
CA GLU B 155 -0.19 -0.45 -30.30
C GLU B 155 -1.49 -0.26 -29.54
N SER B 156 -2.56 -0.84 -30.07
CA SER B 156 -3.91 -0.62 -29.55
C SER B 156 -4.46 -1.81 -28.78
N HIS B 157 -5.10 -1.52 -27.66
CA HIS B 157 -5.63 -2.55 -26.77
C HIS B 157 -6.97 -2.17 -26.15
N ARG B 158 -7.93 -3.09 -26.35
CA ARG B 158 -9.35 -2.92 -26.06
C ARG B 158 -9.71 -3.40 -24.66
N VAL B 159 -10.40 -0.56 -23.64
CA VAL B 159 -10.19 -0.67 -22.20
C VAL B 159 -11.49 -0.94 -21.45
N ILE B 160 -11.41 -1.86 -20.50
CA ILE B 160 -12.50 -2.10 -19.58
C ILE B 160 -12.20 -1.37 -18.28
N SER B 161 -13.13 -0.52 -17.84
CA SER B 161 -12.97 0.11 -16.53
C SER B 161 -14.08 -0.37 -15.63
N LEU B 162 -13.71 -1.03 -14.54
CA LEU B 162 -14.69 -1.77 -13.75
C LEU B 162 -15.12 -1.10 -12.46
N ALA B 163 -16.39 -1.32 -12.14
CA ALA B 163 -17.05 -0.94 -10.90
C ALA B 163 -16.98 -2.05 -9.84
N VAL B 164 -17.19 -3.29 -10.27
CA VAL B 164 -17.17 -4.45 -9.41
C VAL B 164 -16.45 -5.64 -10.05
N ALA B 165 -15.93 -6.53 -9.22
CA ALA B 165 -15.21 -7.69 -9.67
C ALA B 165 -15.51 -8.69 -8.60
N CYS B 166 -15.50 -9.97 -8.96
CA CYS B 166 -15.79 -11.03 -8.00
C CYS B 166 -15.13 -12.29 -8.44
N GLU B 167 -14.73 -13.09 -7.48
CA GLU B 167 -14.47 -14.50 -7.74
C GLU B 167 -15.58 -15.28 -7.07
N VAL B 168 -15.88 -16.45 -7.62
CA VAL B 168 -16.75 -17.39 -6.95
C VAL B 168 -15.98 -18.69 -6.76
N LYS B 169 -15.90 -19.15 -5.53
CA LYS B 169 -15.25 -20.42 -5.17
C LYS B 169 -16.22 -21.29 -4.38
N THR B 170 -15.94 -22.59 -4.31
CA THR B 170 -16.70 -23.47 -3.43
C THR B 170 -16.36 -23.24 -1.94
N ASN B 171 -15.05 -23.14 -1.61
CA ASN B 171 -14.52 -22.96 -0.24
C ASN B 171 -13.24 -22.10 -0.13
N ILE B 172 -13.13 -21.31 0.94
CA ILE B 172 -11.95 -20.43 1.14
C ILE B 172 -11.06 -20.89 2.32
N ASP B 173 -9.80 -21.26 2.03
CA ASP B 173 -8.75 -21.45 3.06
C ASP B 173 -7.84 -20.21 3.23
N LYS B 174 -6.96 -20.24 4.25
CA LYS B 174 -6.07 -19.10 4.62
C LYS B 174 -5.07 -18.63 3.54
N ASN B 175 -4.25 -19.57 3.06
CA ASN B 175 -3.20 -19.26 2.06
C ASN B 175 -3.77 -18.75 0.73
N LYS B 176 -4.92 -19.30 0.29
CA LYS B 176 -5.65 -18.77 -0.89
C LYS B 176 -6.14 -17.34 -0.64
N LEU B 177 -6.64 -17.09 0.58
CA LEU B 177 -7.14 -15.78 0.94
C LEU B 177 -6.03 -14.70 0.81
N ASN B 178 -4.81 -15.06 1.23
CA ASN B 178 -3.61 -14.22 1.07
C ASN B 178 -3.35 -13.80 -0.41
N GLY B 179 -3.42 -14.77 -1.32
CA GLY B 179 -3.22 -14.53 -2.76
C GLY B 179 -4.33 -13.72 -3.41
N LEU B 180 -5.55 -13.94 -2.90
CA LEU B 180 -6.74 -13.18 -3.25
C LEU B 180 -6.58 -11.70 -2.82
N ASP B 181 -5.99 -11.50 -1.63
CA ASP B 181 -5.59 -10.18 -1.15
C ASP B 181 -4.59 -9.54 -2.12
N PHE B 182 -3.59 -10.31 -2.58
CA PHE B 182 -2.63 -9.77 -3.56
C PHE B 182 -3.31 -9.29 -4.86
N SER B 183 -4.26 -10.06 -5.37
CA SER B 183 -4.97 -9.71 -6.61
C SER B 183 -5.68 -8.35 -6.46
N ALA B 184 -6.35 -8.18 -5.32
CA ALA B 184 -7.11 -6.97 -4.99
C ALA B 184 -6.26 -5.70 -4.89
N GLU B 185 -5.01 -5.83 -4.44
CA GLU B 185 -4.12 -4.66 -4.36
C GLU B 185 -3.85 -4.07 -5.75
N ARG B 186 -3.61 -4.96 -6.71
CA ARG B 186 -3.35 -4.62 -8.11
C ARG B 186 -4.57 -3.93 -8.71
N MET B 187 -5.74 -4.48 -8.41
CA MET B 187 -7.05 -4.01 -8.89
C MET B 187 -7.36 -2.59 -8.47
N LYS B 188 -7.16 -2.33 -7.18
CA LYS B 188 -7.41 -1.04 -6.58
C LYS B 188 -6.44 0.04 -7.11
N ARG B 189 -5.20 -0.38 -7.40
CA ARG B 189 -4.20 0.48 -8.04
C ARG B 189 -4.65 0.98 -9.41
N THR B 190 -5.17 0.06 -10.23
CA THR B 190 -5.68 0.43 -11.55
C THR B 190 -6.95 1.27 -11.41
N TYR B 191 -7.90 0.77 -10.59
CA TYR B 191 -9.23 1.37 -10.50
C TYR B 191 -9.67 1.72 -9.08
N PRO B 192 -9.36 2.96 -8.62
CA PRO B 192 -9.50 3.45 -7.24
C PRO B 192 -10.83 3.14 -6.58
N GLY B 193 -11.92 3.61 -7.20
CA GLY B 193 -13.27 3.47 -6.67
C GLY B 193 -13.76 2.04 -6.54
N SER B 194 -13.33 1.18 -7.46
CA SER B 194 -13.89 -0.16 -7.64
C SER B 194 -14.03 -1.02 -6.38
N ALA B 195 -15.16 -1.70 -6.27
CA ALA B 195 -15.37 -2.71 -5.23
C ALA B 195 -14.85 -4.07 -5.69
N TYR B 196 -14.27 -4.80 -4.77
CA TYR B 196 -13.88 -6.16 -5.02
C TYR B 196 -14.66 -7.04 -4.06
N PHE B 197 -15.42 -8.00 -4.58
CA PHE B 197 -16.06 -8.98 -3.71
C PHE B 197 -15.40 -10.34 -3.86
N LEU B 198 -15.54 -11.17 -2.84
CA LEU B 198 -15.17 -12.56 -2.93
C LEU B 198 -16.42 -13.27 -2.47
N ILE B 199 -16.85 -14.27 -3.22
CA ILE B 199 -18.06 -15.00 -2.84
C ILE B 199 -17.74 -16.48 -2.76
N THR B 200 -18.13 -17.10 -1.66
CA THR B 200 -17.94 -18.52 -1.54
C THR B 200 -19.15 -19.11 -0.88
N GLU B 201 -19.28 -20.42 -0.99
CA GLU B 201 -20.37 -21.14 -0.33
C GLU B 201 -20.03 -21.33 1.13
N THR B 202 -18.92 -22.00 1.37
CA THR B 202 -18.59 -22.45 2.69
C THR B 202 -17.17 -21.99 3.04
N LEU B 203 -16.93 -21.90 4.34
CA LEU B 203 -15.71 -21.31 4.83
C LEU B 203 -14.86 -22.35 5.53
N ASP B 204 -13.58 -22.43 5.15
CA ASP B 204 -12.62 -23.29 5.83
C ASP B 204 -11.41 -22.49 6.29
N PHE B 205 -11.61 -21.71 7.37
CA PHE B 205 -10.51 -21.02 8.04
C PHE B 205 -9.72 -22.05 8.86
N SER B 206 -8.57 -22.44 8.31
CA SER B 206 -7.75 -23.51 8.89
C SER B 206 -7.13 -23.10 10.24
N PRO B 207 -6.34 -22.01 10.28
CA PRO B 207 -6.20 -21.37 11.60
C PRO B 207 -7.44 -20.55 11.96
N ASP B 208 -7.80 -20.55 13.24
CA ASP B 208 -8.95 -19.79 13.74
C ASP B 208 -8.73 -18.27 13.67
N GLU B 209 -7.45 -17.87 13.74
CA GLU B 209 -6.95 -16.50 13.50
C GLU B 209 -7.75 -15.71 12.44
N ASN B 210 -8.18 -14.51 12.80
CA ASN B 210 -9.08 -13.74 11.93
C ASN B 210 -8.39 -13.02 10.78
N HIS B 211 -9.20 -12.63 9.80
CA HIS B 211 -8.74 -12.49 8.43
C HIS B 211 -8.71 -11.07 7.90
N SER B 212 -8.05 -10.98 6.75
CA SER B 212 -7.56 -9.73 6.20
C SER B 212 -8.64 -8.80 5.67
N SER B 213 -8.95 -7.82 6.51
CA SER B 213 -9.92 -6.77 6.24
C SER B 213 -9.56 -5.89 5.02
N GLY B 214 -8.34 -5.36 5.04
CA GLY B 214 -7.81 -4.46 4.00
C GLY B 214 -7.92 -4.91 2.54
N LEU B 215 -8.53 -4.03 1.74
CA LEU B 215 -8.63 -4.13 0.25
C LEU B 215 -9.64 -5.13 -0.32
N ILE B 216 -10.13 -6.05 0.53
CA ILE B 216 -11.25 -6.90 0.13
C ILE B 216 -12.50 -6.23 0.65
N ASP B 217 -13.35 -5.79 -0.26
CA ASP B 217 -14.43 -4.88 0.12
C ASP B 217 -15.64 -5.59 0.68
N GLU B 218 -15.74 -6.89 0.40
CA GLU B 218 -16.62 -7.82 1.16
C GLU B 218 -16.32 -9.26 0.81
N ILE B 219 -16.53 -10.15 1.77
CA ILE B 219 -16.59 -11.58 1.44
C ILE B 219 -18.00 -12.00 1.85
N TYR B 220 -18.60 -12.88 1.05
CA TYR B 220 -19.94 -13.39 1.27
C TYR B 220 -19.94 -14.90 1.40
N VAL B 221 -20.65 -15.41 2.40
CA VAL B 221 -20.87 -16.86 2.49
C VAL B 221 -22.31 -17.29 2.11
N LEU B 222 -22.43 -17.87 0.92
CA LEU B 222 -23.71 -18.28 0.35
C LEU B 222 -24.39 -19.37 1.14
N ARG B 223 -23.61 -20.29 1.69
CA ARG B 223 -24.18 -21.31 2.56
C ARG B 223 -24.29 -20.89 4.04
N LYS B 224 -23.61 -19.81 4.42
CA LYS B 224 -23.47 -19.39 5.84
C LYS B 224 -22.82 -20.53 6.67
N GLN B 225 -22.47 -21.62 5.99
CA GLN B 225 -21.86 -22.84 6.54
C GLN B 225 -20.51 -22.59 7.20
N VAL B 226 -20.47 -22.92 8.48
CA VAL B 226 -19.31 -22.73 9.33
C VAL B 226 -18.04 -23.35 8.71
N ARG B 227 -18.06 -24.65 8.44
CA ARG B 227 -16.89 -25.38 7.92
C ARG B 227 -17.24 -26.20 6.68
N THR B 228 -16.30 -26.22 5.73
CA THR B 228 -16.40 -27.05 4.52
C THR B 228 -16.36 -28.53 4.88
N LYS B 229 -15.56 -28.86 5.90
CA LYS B 229 -15.31 -30.24 6.30
C LYS B 229 -16.59 -31.04 6.50
N ASN B 230 -17.58 -30.40 7.13
CA ASN B 230 -18.94 -30.93 7.24
C ASN B 230 -19.42 -31.56 5.94
N ARG B 231 -19.49 -30.75 4.88
CA ARG B 231 -19.86 -31.18 3.53
C ARG B 231 -18.91 -32.26 2.97
N VAL B 232 -17.60 -32.02 3.08
CA VAL B 232 -16.55 -32.96 2.61
C VAL B 232 -16.65 -34.34 3.29
N GLN B 233 -16.73 -34.33 4.63
CA GLN B 233 -16.95 -35.53 5.42
C GLN B 233 -18.27 -36.16 4.98
N LYS B 234 -18.16 -37.35 4.39
CA LYS B 234 -19.32 -38.11 3.92
C LYS B 234 -20.14 -38.56 5.14
N ALA B 235 -21.25 -37.86 5.38
CA ALA B 235 -21.99 -37.89 6.65
C ALA B 235 -23.40 -37.27 6.49
N PRO B 236 -24.24 -37.35 7.56
CA PRO B 236 -25.46 -36.54 7.69
C PRO B 236 -25.38 -35.04 7.32
N LEU B 237 -24.24 -34.38 7.59
CA LEU B 237 -24.09 -32.92 7.39
C LEU B 237 -24.29 -32.43 5.94
N CYS B 238 -25.34 -31.65 5.74
CA CYS B 238 -25.64 -31.04 4.43
C CYS B 238 -25.97 -29.54 4.56
N PRO B 239 -25.20 -28.70 3.85
CA PRO B 239 -25.36 -27.25 3.75
C PRO B 239 -26.68 -26.82 3.10
N SER B 240 -26.99 -25.52 3.17
CA SER B 240 -28.18 -24.95 2.49
C SER B 240 -27.86 -23.60 1.82
N VAL B 241 -28.12 -23.46 0.52
CA VAL B 241 -27.91 -22.18 -0.20
C VAL B 241 -29.06 -21.26 0.19
N PHE B 242 -28.75 -20.27 1.01
CA PHE B 242 -29.77 -19.44 1.62
C PHE B 242 -29.97 -18.17 0.83
N ALA B 243 -31.23 -17.92 0.48
CA ALA B 243 -31.63 -16.79 -0.33
C ALA B 243 -31.30 -15.41 0.27
N GLU B 244 -31.37 -15.33 1.60
CA GLU B 244 -31.08 -14.11 2.35
C GLU B 244 -29.63 -13.66 2.13
N LEU B 245 -28.71 -14.62 2.02
CA LEU B 245 -27.30 -14.35 1.72
C LEU B 245 -27.08 -13.73 0.33
N LEU B 246 -27.86 -14.21 -0.65
CA LEU B 246 -27.75 -13.71 -2.01
C LEU B 246 -28.51 -12.39 -2.20
N GLU B 247 -29.50 -12.18 -1.34
CA GLU B 247 -30.32 -10.95 -1.32
C GLU B 247 -29.50 -9.69 -0.97
N ASP B 248 -28.50 -9.85 -0.10
CA ASP B 248 -27.72 -8.72 0.43
C ASP B 248 -26.50 -8.37 -0.43
N ILE B 249 -26.50 -8.91 -1.65
CA ILE B 249 -25.52 -8.56 -2.65
C ILE B 249 -26.22 -7.56 -3.59
N LEU B 250 -26.87 -6.58 -2.99
CA LEU B 250 -27.39 -5.42 -3.70
C LEU B 250 -26.42 -4.27 -3.52
N GLU B 251 -25.41 -4.50 -2.69
CA GLU B 251 -24.34 -3.55 -2.47
C GLU B 251 -23.69 -3.15 -3.79
N ILE B 252 -23.42 -4.17 -4.60
CA ILE B 252 -22.88 -4.06 -5.98
C ILE B 252 -23.75 -3.18 -6.89
N SER B 253 -25.05 -3.50 -6.92
CA SER B 253 -26.01 -2.77 -7.77
C SER B 253 -26.03 -1.31 -7.33
N TYR B 254 -26.23 -1.09 -6.02
CA TYR B 254 -26.23 0.25 -5.44
C TYR B 254 -24.98 1.09 -5.80
N ARG B 255 -23.80 0.49 -5.69
CA ARG B 255 -22.55 1.22 -5.99
C ARG B 255 -22.43 1.62 -7.47
N ALA B 256 -22.74 0.66 -8.35
CA ALA B 256 -22.71 0.87 -9.80
C ALA B 256 -23.57 2.07 -10.21
N SER B 257 -24.83 2.04 -9.76
CA SER B 257 -25.84 3.09 -9.98
C SER B 257 -25.34 4.46 -9.54
N ASN B 258 -24.68 4.48 -8.38
CA ASN B 258 -24.21 5.72 -7.77
C ASN B 258 -23.24 6.47 -8.67
N VAL B 259 -22.36 5.74 -9.36
CA VAL B 259 -21.33 6.37 -10.20
C VAL B 259 -21.86 6.97 -11.51
N LYS B 260 -22.92 6.38 -12.07
CA LYS B 260 -23.60 6.97 -13.23
C LYS B 260 -23.87 8.47 -13.02
N GLY B 261 -24.65 8.78 -11.98
CA GLY B 261 -25.02 10.15 -11.66
C GLY B 261 -23.88 10.97 -11.06
N HIS B 262 -22.99 11.46 -11.91
CA HIS B 262 -21.97 12.43 -11.48
C HIS B 262 -22.53 13.87 -11.45
N VAL B 263 -22.98 14.31 -10.28
CA VAL B 263 -23.45 15.71 -10.08
C VAL B 263 -22.80 16.36 -8.83
N TYR B 264 -23.46 17.36 -8.24
CA TYR B 264 -22.99 18.01 -7.00
C TYR B 264 -23.42 17.24 -5.74
N ASN C 6 22.99 -23.08 18.97
CA ASN C 6 23.14 -23.93 17.74
C ASN C 6 22.23 -25.17 17.69
N PRO C 7 20.92 -24.96 17.37
CA PRO C 7 19.99 -26.07 17.21
C PRO C 7 19.55 -26.30 15.76
N LEU C 8 18.79 -27.37 15.55
CA LEU C 8 18.14 -27.67 14.28
C LEU C 8 16.69 -27.99 14.56
N VAL C 9 15.80 -27.59 13.64
CA VAL C 9 14.39 -27.98 13.76
C VAL C 9 14.05 -29.32 13.07
N TYR C 10 14.77 -29.63 11.99
CA TYR C 10 14.56 -30.82 11.15
C TYR C 10 13.18 -30.85 10.49
N THR C 11 12.95 -29.88 9.60
CA THR C 11 11.67 -29.72 8.86
C THR C 11 11.24 -30.99 8.08
N HIS C 12 12.12 -31.42 7.18
CA HIS C 12 11.89 -32.57 6.31
C HIS C 12 11.80 -33.90 7.09
N GLY C 13 12.79 -34.14 7.96
CA GLY C 13 12.86 -35.33 8.82
C GLY C 13 11.66 -35.56 9.71
N GLY C 14 11.16 -34.48 10.30
CA GLY C 14 9.92 -34.52 11.09
C GLY C 14 8.73 -34.96 10.26
N LYS C 15 8.65 -34.44 9.02
CA LYS C 15 7.56 -34.77 8.10
C LYS C 15 7.65 -36.19 7.56
N LEU C 16 8.87 -36.70 7.43
CA LEU C 16 9.10 -38.12 7.13
C LEU C 16 8.61 -39.01 8.28
N GLU C 17 8.89 -38.57 9.52
CA GLU C 17 8.40 -39.24 10.74
C GLU C 17 6.88 -39.23 10.92
N ARG C 18 6.27 -38.07 10.63
CA ARG C 18 4.81 -37.89 10.62
C ARG C 18 4.14 -38.87 9.62
N LYS C 19 4.60 -38.82 8.37
CA LYS C 19 4.06 -39.62 7.27
C LYS C 19 4.09 -41.14 7.47
N SER C 20 5.15 -41.66 8.10
CA SER C 20 5.34 -43.11 8.30
C SER C 20 4.41 -43.75 9.35
N LYS C 21 3.66 -42.92 10.08
CA LYS C 21 2.65 -43.42 11.02
C LYS C 21 1.23 -43.29 10.46
N LYS C 22 1.00 -42.23 9.67
CA LYS C 22 -0.33 -41.83 9.16
C LYS C 22 -0.71 -42.47 7.81
N ASP C 23 0.30 -42.61 6.93
CA ASP C 23 0.11 -43.12 5.56
C ASP C 23 0.90 -44.43 5.41
N LYS C 24 0.21 -45.55 5.59
CA LYS C 24 0.84 -46.89 5.50
C LYS C 24 1.33 -47.30 4.10
N THR C 25 0.80 -46.66 3.06
CA THR C 25 1.32 -46.76 1.69
C THR C 25 2.73 -46.17 1.67
N ALA C 26 2.83 -44.92 2.09
CA ALA C 26 4.10 -44.21 2.21
C ALA C 26 5.08 -44.88 3.18
N SER C 27 4.60 -45.29 4.36
CA SER C 27 5.39 -45.99 5.38
C SER C 27 6.05 -47.22 4.80
N LYS C 28 5.26 -48.00 4.06
CA LYS C 28 5.74 -49.19 3.34
C LYS C 28 6.81 -48.81 2.29
N VAL C 29 6.52 -47.79 1.47
CA VAL C 29 7.42 -47.31 0.39
C VAL C 29 8.76 -46.74 0.94
N PHE C 30 8.69 -46.01 2.06
CA PHE C 30 9.88 -45.43 2.73
C PHE C 30 10.95 -46.46 3.08
N GLU C 31 10.50 -47.51 3.76
CA GLU C 31 11.36 -48.59 4.23
C GLU C 31 11.81 -49.47 3.05
N GLU C 32 10.87 -49.81 2.17
CA GLU C 32 11.12 -50.60 0.95
C GLU C 32 12.22 -50.02 0.04
N PHE C 33 12.21 -48.70 -0.16
CA PHE C 33 13.11 -48.05 -1.10
C PHE C 33 14.22 -47.21 -0.45
N GLY C 34 14.34 -47.32 0.88
CA GLY C 34 15.45 -46.75 1.64
C GLY C 34 15.52 -45.24 1.72
N VAL C 35 14.36 -44.62 1.83
CA VAL C 35 14.22 -43.17 2.04
C VAL C 35 14.85 -42.77 3.38
N MET C 36 14.52 -43.54 4.42
CA MET C 36 15.02 -43.36 5.79
C MET C 36 16.55 -43.36 5.89
N GLU C 37 17.18 -44.31 5.20
CA GLU C 37 18.63 -44.49 5.19
C GLU C 37 19.33 -43.32 4.48
N ALA C 38 18.80 -42.96 3.30
CA ALA C 38 19.31 -41.85 2.50
C ALA C 38 19.27 -40.54 3.30
N TYR C 39 18.17 -40.35 4.04
CA TYR C 39 17.98 -39.19 4.90
C TYR C 39 19.01 -39.14 6.03
N ASN C 40 19.16 -40.25 6.74
CA ASN C 40 20.09 -40.34 7.88
C ASN C 40 21.54 -40.11 7.47
N CYS C 41 21.91 -40.68 6.31
CA CYS C 41 23.18 -40.39 5.66
C CYS C 41 23.35 -38.87 5.50
N TRP C 42 22.36 -38.25 4.86
CA TRP C 42 22.35 -36.81 4.58
C TRP C 42 22.42 -35.94 5.84
N LYS C 43 21.60 -36.28 6.84
CA LYS C 43 21.51 -35.56 8.12
C LYS C 43 22.85 -35.52 8.84
N GLU C 44 23.44 -36.69 8.98
CA GLU C 44 24.68 -36.84 9.73
C GLU C 44 25.88 -36.34 8.93
N ALA C 45 25.87 -36.52 7.61
CA ALA C 45 26.90 -35.97 6.70
C ALA C 45 26.91 -34.44 6.68
N SER C 46 25.73 -33.85 6.82
CA SER C 46 25.60 -32.38 6.91
C SER C 46 26.14 -31.85 8.24
N LEU C 47 25.79 -32.52 9.34
CA LEU C 47 26.30 -32.17 10.68
C LEU C 47 27.83 -32.29 10.84
N CYS C 48 28.46 -33.05 9.95
CA CYS C 48 29.91 -33.27 9.93
C CYS C 48 30.77 -32.08 9.47
N ILE C 49 30.22 -31.25 8.58
CA ILE C 49 30.97 -30.12 8.02
C ILE C 49 30.77 -28.89 8.92
N GLN C 50 31.82 -28.51 9.66
CA GLN C 50 31.71 -27.57 10.79
C GLN C 50 32.35 -26.19 10.62
N GLN C 51 33.24 -26.05 9.64
CA GLN C 51 33.83 -24.75 9.31
C GLN C 51 32.99 -24.14 8.20
N ARG C 52 33.11 -22.81 7.99
CA ARG C 52 32.30 -22.14 6.96
C ARG C 52 33.09 -21.30 5.93
N ASP C 53 34.22 -21.84 5.48
CA ASP C 53 34.93 -21.32 4.30
C ASP C 53 34.26 -21.84 3.03
N LYS C 54 34.62 -21.23 1.89
CA LYS C 54 34.02 -21.49 0.56
C LYS C 54 33.89 -22.99 0.24
N ASP C 55 35.01 -23.70 0.39
CA ASP C 55 35.13 -25.14 0.17
C ASP C 55 34.16 -25.97 1.01
N SER C 56 34.05 -25.64 2.30
CA SER C 56 33.18 -26.34 3.25
C SER C 56 31.73 -26.32 2.80
N VAL C 57 31.28 -25.15 2.35
CA VAL C 57 29.91 -24.92 1.86
C VAL C 57 29.61 -25.79 0.64
N LEU C 58 30.59 -25.91 -0.26
CA LEU C 58 30.48 -26.74 -1.46
C LEU C 58 30.28 -28.21 -1.11
N LYS C 59 31.01 -28.67 -0.07
CA LYS C 59 30.84 -30.02 0.50
C LYS C 59 29.42 -30.25 1.03
N LEU C 60 28.88 -29.26 1.75
CA LEU C 60 27.49 -29.26 2.21
C LEU C 60 26.47 -29.39 1.07
N VAL C 61 26.73 -28.67 -0.01
CA VAL C 61 25.87 -28.67 -1.21
C VAL C 61 25.88 -30.04 -1.87
N ALA C 62 27.07 -30.65 -1.93
CA ALA C 62 27.26 -31.99 -2.47
C ALA C 62 26.40 -33.05 -1.75
N ALA C 63 26.31 -32.92 -0.42
CA ALA C 63 25.47 -33.79 0.42
C ALA C 63 23.99 -33.67 0.08
N LEU C 64 23.54 -32.43 -0.16
CA LEU C 64 22.17 -32.13 -0.57
C LEU C 64 21.84 -32.76 -1.92
N ASN C 65 22.74 -32.61 -2.89
CA ASN C 65 22.59 -33.17 -4.24
C ASN C 65 22.49 -34.70 -4.22
N THR C 66 23.36 -35.35 -3.42
CA THR C 66 23.35 -36.81 -3.19
C THR C 66 21.97 -37.29 -2.69
N TYR C 67 21.45 -36.62 -1.65
CA TYR C 67 20.17 -36.98 -1.05
C TYR C 67 18.98 -36.89 -2.03
N LYS C 68 18.90 -35.79 -2.77
CA LYS C 68 17.84 -35.56 -3.77
C LYS C 68 17.89 -36.59 -4.90
N ASP C 69 19.10 -36.93 -5.35
CA ASP C 69 19.34 -37.97 -6.37
C ASP C 69 18.81 -39.35 -5.93
N ALA C 70 18.98 -39.68 -4.66
CA ALA C 70 18.51 -40.93 -4.08
C ALA C 70 16.99 -40.95 -3.88
N VAL C 71 16.44 -39.85 -3.37
CA VAL C 71 15.09 -39.82 -2.76
C VAL C 71 13.94 -39.30 -3.66
N GLU C 72 14.22 -38.26 -4.45
CA GLU C 72 13.19 -37.63 -5.30
C GLU C 72 12.59 -38.52 -6.41
N PRO C 73 13.40 -39.42 -7.04
CA PRO C 73 12.81 -40.35 -8.01
C PRO C 73 11.77 -41.32 -7.41
N ILE C 74 11.95 -41.69 -6.14
CA ILE C 74 11.00 -42.52 -5.41
C ILE C 74 9.69 -41.75 -5.17
N PHE C 75 9.82 -40.50 -4.72
CA PHE C 75 8.67 -39.63 -4.45
C PHE C 75 7.81 -39.37 -5.69
N ASP C 76 8.48 -39.09 -6.82
CA ASP C 76 7.82 -38.77 -8.09
C ASP C 76 7.03 -39.94 -8.69
N SER C 77 7.60 -41.15 -8.63
CA SER C 77 7.00 -42.31 -9.28
C SER C 77 6.12 -43.19 -8.38
N ARG C 78 6.34 -43.17 -7.06
CA ARG C 78 5.70 -44.13 -6.14
C ARG C 78 4.76 -43.57 -5.06
N LEU C 79 4.68 -42.24 -4.96
CA LEU C 79 3.76 -41.59 -4.01
C LEU C 79 2.93 -40.45 -4.60
N ASN C 80 1.70 -40.37 -4.10
CA ASN C 80 0.73 -39.33 -4.45
C ASN C 80 0.90 -38.06 -3.61
N SER C 81 0.87 -38.23 -2.29
CA SER C 81 0.88 -37.10 -1.34
C SER C 81 2.32 -36.77 -0.90
N ALA C 82 3.14 -36.33 -1.86
CA ALA C 82 4.56 -36.09 -1.61
C ALA C 82 5.12 -34.80 -2.23
N GLN C 83 4.63 -34.44 -3.42
CA GLN C 83 5.17 -33.33 -4.23
C GLN C 83 5.18 -31.97 -3.50
N GLU C 84 4.05 -31.66 -2.85
CA GLU C 84 3.90 -30.46 -2.01
C GLU C 84 3.68 -30.81 -0.53
N VAL C 85 4.07 -32.04 -0.14
CA VAL C 85 3.92 -32.55 1.24
C VAL C 85 5.23 -32.75 2.01
N LEU C 86 6.27 -33.22 1.32
CA LEU C 86 7.63 -33.40 1.80
C LEU C 86 8.91 -33.00 0.95
N GLN C 87 8.63 -32.90 -0.36
CA GLN C 87 9.64 -32.54 -1.39
C GLN C 87 10.16 -31.12 -1.07
N PRO C 88 9.26 -30.12 -0.87
CA PRO C 88 9.77 -28.75 -0.70
C PRO C 88 10.52 -28.52 0.61
N SER C 89 10.28 -29.36 1.60
CA SER C 89 10.95 -29.27 2.89
C SER C 89 12.41 -29.72 2.85
N ILE C 90 12.84 -30.35 1.76
CA ILE C 90 14.24 -30.74 1.56
C ILE C 90 15.18 -29.51 1.60
N LEU C 91 14.91 -28.54 0.73
CA LEU C 91 15.63 -27.25 0.72
C LEU C 91 15.55 -26.49 2.05
N GLU C 92 14.38 -26.54 2.69
CA GLU C 92 14.12 -25.92 4.00
C GLU C 92 15.04 -26.45 5.10
N GLU C 93 15.12 -27.78 5.19
CA GLU C 93 16.02 -28.43 6.13
C GLU C 93 17.49 -28.20 5.77
N PHE C 94 17.82 -28.18 4.46
CA PHE C 94 19.22 -27.91 4.02
C PHE C 94 19.75 -26.57 4.55
N PHE C 95 18.91 -25.54 4.47
CA PHE C 95 19.26 -24.23 4.99
C PHE C 95 19.31 -24.22 6.51
N GLU C 96 18.52 -25.08 7.17
CA GLU C 96 18.64 -25.28 8.63
C GLU C 96 20.05 -25.71 9.01
N TYR C 97 20.59 -26.66 8.25
CA TYR C 97 21.96 -27.16 8.42
C TYR C 97 22.98 -26.05 8.19
N LEU C 98 22.95 -25.42 7.01
CA LEU C 98 23.92 -24.38 6.61
C LEU C 98 24.06 -23.24 7.62
N PHE C 99 22.96 -22.89 8.26
CA PHE C 99 22.93 -21.77 9.19
C PHE C 99 22.91 -22.19 10.66
N SER C 100 22.99 -23.48 10.92
CA SER C 100 23.03 -24.00 12.29
C SER C 100 24.28 -23.56 13.11
N ARG C 101 25.28 -23.00 12.43
CA ARG C 101 26.55 -22.62 13.07
C ARG C 101 26.83 -21.13 13.05
N ILE C 102 25.79 -20.31 13.07
CA ILE C 102 25.98 -18.86 13.05
C ILE C 102 26.06 -18.20 14.42
N ASP C 103 25.52 -18.83 15.48
CA ASP C 103 25.51 -18.22 16.84
C ASP C 103 26.87 -17.77 17.31
N SER C 104 27.85 -18.66 17.09
CA SER C 104 29.26 -18.39 17.32
C SER C 104 29.77 -17.21 16.50
N ILE C 105 29.46 -17.18 15.20
CA ILE C 105 29.92 -16.11 14.30
C ILE C 105 29.25 -14.78 14.65
N VAL C 106 27.93 -14.80 14.77
CA VAL C 106 27.13 -13.60 15.00
C VAL C 106 27.33 -13.05 16.43
N GLY C 107 27.61 -13.94 17.38
CA GLY C 107 27.99 -13.55 18.73
C GLY C 107 26.88 -13.32 19.73
N VAL C 108 25.69 -13.83 19.40
CA VAL C 108 24.51 -13.84 20.28
C VAL C 108 23.58 -15.00 19.86
N ASN C 109 22.67 -15.39 20.74
CA ASN C 109 21.76 -16.50 20.45
C ASN C 109 20.58 -16.08 19.62
N ILE C 110 20.58 -16.49 18.34
CA ILE C 110 19.43 -16.34 17.45
C ILE C 110 18.42 -17.44 17.78
N PRO C 111 17.17 -17.06 18.13
CA PRO C 111 16.13 -18.09 18.37
C PRO C 111 15.45 -18.71 17.12
N ILE C 112 15.48 -18.01 15.98
CA ILE C 112 14.72 -18.41 14.76
C ILE C 112 15.66 -18.67 13.55
N ARG C 113 15.83 -19.94 13.18
CA ARG C 113 16.63 -20.35 12.00
C ARG C 113 15.99 -21.54 11.27
N HIS C 114 14.76 -21.35 10.81
CA HIS C 114 13.91 -22.44 10.34
C HIS C 114 12.62 -21.82 9.76
N PRO C 115 11.68 -22.65 9.22
CA PRO C 115 10.40 -22.02 8.89
C PRO C 115 9.67 -21.50 10.13
N ALA C 116 9.08 -20.31 10.00
CA ALA C 116 8.21 -19.64 10.98
C ALA C 116 7.44 -18.50 10.28
N LYS C 117 6.58 -17.81 11.03
CA LYS C 117 5.71 -16.75 10.49
C LYS C 117 6.28 -15.33 10.70
N GLY C 118 6.77 -14.73 9.62
CA GLY C 118 7.37 -13.40 9.68
C GLY C 118 6.36 -12.26 9.73
N TYR C 119 6.29 -11.57 10.87
CA TYR C 119 5.44 -10.38 11.11
C TYR C 119 5.33 -9.42 9.93
N LEU C 120 4.11 -9.00 9.62
CA LEU C 120 3.84 -7.99 8.57
C LEU C 120 3.16 -6.71 9.13
N SER C 121 2.08 -6.90 9.86
CA SER C 121 1.36 -5.74 10.38
C SER C 121 0.44 -6.07 11.53
N LEU C 122 0.14 -4.99 12.27
CA LEU C 122 -0.86 -4.91 13.32
C LEU C 122 -1.95 -3.90 12.95
N SER C 123 -3.21 -4.24 13.26
CA SER C 123 -4.37 -3.37 12.98
C SER C 123 -5.50 -3.63 13.98
N PHE C 124 -6.25 -2.59 14.27
CA PHE C 124 -7.22 -2.63 15.34
C PHE C 124 -8.62 -2.81 14.80
N ASN C 125 -9.29 -3.86 15.24
CA ASN C 125 -10.67 -4.16 14.85
C ASN C 125 -11.58 -4.26 16.07
N PRO C 126 -12.06 -3.11 16.61
CA PRO C 126 -12.96 -3.10 17.76
C PRO C 126 -14.38 -3.60 17.52
N HIS C 127 -14.78 -4.62 18.30
CA HIS C 127 -16.12 -5.27 18.30
C HIS C 127 -17.29 -4.29 18.56
N ASN C 128 -17.07 -3.32 19.46
CA ASN C 128 -17.97 -2.21 19.69
C ASN C 128 -17.21 -1.10 20.39
N ILE C 129 -17.94 -0.05 20.77
CA ILE C 129 -17.34 1.14 21.35
C ILE C 129 -16.73 0.89 22.73
N GLU C 130 -17.50 0.24 23.61
CA GLU C 130 -17.04 -0.17 24.93
C GLU C 130 -15.76 -1.01 24.79
N THR C 131 -15.79 -2.02 23.91
CA THR C 131 -14.62 -2.85 23.54
C THR C 131 -13.34 -2.04 23.18
N LEU C 132 -13.51 -1.06 22.27
CA LEU C 132 -12.41 -0.19 21.79
C LEU C 132 -11.75 0.50 22.96
N ILE C 133 -12.59 1.10 23.80
CA ILE C 133 -12.15 1.79 24.99
C ILE C 133 -11.58 0.91 26.11
N GLN C 134 -12.18 -0.26 26.36
CA GLN C 134 -11.80 -1.18 27.48
C GLN C 134 -10.56 -2.04 27.25
N SER C 135 -10.54 -2.75 26.13
CA SER C 135 -9.32 -3.26 25.54
C SER C 135 -9.72 -3.75 24.14
N PRO C 136 -9.27 -3.02 23.10
CA PRO C 136 -9.59 -3.31 21.70
C PRO C 136 -8.88 -4.57 21.23
N GLU C 137 -9.57 -5.30 20.36
CA GLU C 137 -8.99 -6.48 19.76
C GLU C 137 -8.24 -5.93 18.55
N TYR C 138 -7.10 -6.56 18.31
CA TYR C 138 -6.20 -6.18 17.26
C TYR C 138 -5.85 -7.43 16.49
N THR C 139 -5.31 -7.30 15.29
CA THR C 139 -4.90 -8.48 14.51
C THR C 139 -3.45 -8.38 13.99
N VAL C 140 -2.68 -9.45 14.11
CA VAL C 140 -1.29 -9.53 13.57
C VAL C 140 -1.26 -10.39 12.33
N ARG C 141 -0.97 -9.79 11.18
CA ARG C 141 -0.76 -10.59 9.98
C ARG C 141 0.71 -10.93 9.86
N ALA C 142 0.95 -12.19 9.52
CA ALA C 142 2.29 -12.76 9.32
C ALA C 142 2.26 -13.66 8.11
N LYS C 143 3.38 -13.76 7.40
CA LYS C 143 3.51 -14.68 6.24
C LYS C 143 4.33 -15.90 6.65
N ASP C 144 3.84 -17.09 6.33
CA ASP C 144 4.62 -18.33 6.44
C ASP C 144 5.77 -18.15 5.48
N HIS C 145 7.00 -18.31 5.98
CA HIS C 145 8.18 -18.39 5.12
C HIS C 145 8.88 -19.73 5.33
N ASP C 146 9.47 -20.20 4.25
CA ASP C 146 10.11 -21.51 4.19
C ASP C 146 11.36 -21.52 5.08
N PHE C 147 12.05 -20.37 5.17
CA PHE C 147 13.23 -20.20 6.03
C PHE C 147 13.47 -18.77 6.54
N ILE C 148 13.39 -18.61 7.87
CA ILE C 148 13.59 -17.32 8.54
C ILE C 148 14.75 -17.36 9.52
N ILE C 149 15.64 -16.36 9.41
CA ILE C 149 16.61 -16.06 10.46
C ILE C 149 16.15 -14.77 11.14
N GLY C 150 15.84 -14.84 12.43
CA GLY C 150 15.42 -13.65 13.19
C GLY C 150 15.20 -13.82 14.69
N GLY C 151 14.67 -12.78 15.32
CA GLY C 151 14.40 -12.86 16.75
C GLY C 151 12.93 -12.89 17.05
N SER C 152 12.58 -13.35 18.26
CA SER C 152 11.18 -13.26 18.71
C SER C 152 10.97 -12.17 19.76
N ALA C 153 9.75 -11.63 19.76
CA ALA C 153 9.35 -10.64 20.72
C ALA C 153 7.93 -10.94 21.16
N LYS C 154 7.44 -10.15 22.11
CA LYS C 154 6.09 -10.37 22.66
C LYS C 154 5.34 -9.06 22.68
N LEU C 155 4.39 -8.94 21.74
CA LEU C 155 3.56 -7.74 21.56
C LEU C 155 2.38 -7.72 22.54
N THR C 156 2.05 -6.52 23.03
CA THR C 156 1.10 -6.37 24.12
C THR C 156 0.26 -5.11 24.05
N ILE C 157 -1.04 -5.27 24.24
CA ILE C 157 -2.02 -4.18 24.26
C ILE C 157 -2.86 -4.28 25.52
N GLN C 158 -3.00 -3.18 26.25
CA GLN C 158 -3.90 -3.04 27.41
C GLN C 158 -4.78 -1.84 27.18
N GLY C 159 -6.05 -1.95 27.49
CA GLY C 159 -6.97 -0.84 27.28
C GLY C 159 -7.24 -0.15 28.59
N HIS C 160 -8.34 0.61 28.61
CA HIS C 160 -8.81 1.34 29.80
C HIS C 160 -9.06 0.41 30.96
N GLY C 161 -9.52 -0.80 30.64
CA GLY C 161 -9.77 -1.88 31.60
C GLY C 161 -8.56 -2.68 32.06
N GLY C 162 -7.35 -2.28 31.62
CA GLY C 162 -6.09 -2.76 32.18
C GLY C 162 -5.64 -4.21 31.98
N GLU C 163 -6.52 -5.08 31.50
CA GLU C 163 -6.14 -6.48 31.28
C GLU C 163 -5.48 -6.74 29.89
N GLY C 164 -4.23 -7.22 29.92
CA GLY C 164 -3.37 -7.34 28.71
C GLY C 164 -3.62 -8.42 27.64
N GLU C 165 -3.26 -8.10 26.40
CA GLU C 165 -3.39 -8.98 25.24
C GLU C 165 -2.02 -9.22 24.63
N THR C 166 -1.50 -10.44 24.72
CA THR C 166 -0.11 -10.70 24.35
C THR C 166 0.04 -11.71 23.19
N THR C 167 0.66 -11.30 22.08
CA THR C 167 0.86 -12.23 20.94
C THR C 167 2.34 -12.46 20.57
N ASN C 168 2.70 -13.73 20.40
CA ASN C 168 4.08 -14.10 20.12
C ASN C 168 4.43 -13.80 18.67
N ILE C 169 5.29 -12.83 18.40
CA ILE C 169 5.64 -12.45 17.01
C ILE C 169 7.13 -12.61 16.62
N VAL C 170 7.40 -12.77 15.33
CA VAL C 170 8.76 -12.97 14.86
C VAL C 170 9.12 -11.96 13.81
N VAL C 171 10.17 -11.21 14.15
CA VAL C 171 10.64 -10.04 13.43
C VAL C 171 11.88 -10.55 12.74
N PRO C 172 11.82 -10.70 11.41
CA PRO C 172 12.90 -11.39 10.65
C PRO C 172 14.11 -10.52 10.24
N ALA C 173 15.26 -11.17 10.10
CA ALA C 173 16.46 -10.60 9.50
C ALA C 173 16.60 -11.05 8.04
N VAL C 174 16.40 -12.34 7.78
CA VAL C 174 16.38 -12.89 6.43
C VAL C 174 15.20 -13.83 6.32
N ALA C 175 14.42 -13.69 5.24
CA ALA C 175 13.30 -14.57 4.92
C ALA C 175 13.55 -15.19 3.56
N ILE C 176 13.41 -16.51 3.46
CA ILE C 176 13.76 -17.21 2.23
C ILE C 176 12.63 -18.14 1.78
N GLU C 177 12.25 -18.01 0.50
CA GLU C 177 11.27 -18.90 -0.13
C GLU C 177 11.94 -19.97 -0.99
N CYS C 178 11.54 -21.23 -0.78
CA CYS C 178 12.11 -22.38 -1.49
C CYS C 178 11.08 -23.11 -2.37
N LYS C 179 11.33 -23.12 -3.68
CA LYS C 179 10.47 -23.81 -4.66
C LYS C 179 11.29 -24.75 -5.55
N ARG C 180 10.64 -25.82 -6.02
CA ARG C 180 11.23 -26.74 -7.00
C ARG C 180 11.38 -26.06 -8.37
N TYR C 181 10.30 -25.43 -8.81
CA TYR C 181 10.27 -24.57 -9.97
C TYR C 181 9.34 -23.40 -9.66
N LEU C 182 9.72 -22.21 -10.12
CA LEU C 182 8.94 -21.01 -9.86
C LEU C 182 8.22 -20.57 -11.13
N GLU C 183 6.90 -20.42 -11.04
CA GLU C 183 6.13 -19.76 -12.11
C GLU C 183 5.53 -18.43 -11.63
N ARG C 184 4.99 -17.63 -12.55
CA ARG C 184 4.68 -16.22 -12.32
C ARG C 184 3.62 -15.92 -11.25
N ASN C 185 2.58 -16.73 -11.16
CA ASN C 185 1.55 -16.57 -10.12
C ASN C 185 2.12 -16.81 -8.72
N MET C 186 3.18 -17.61 -8.63
CA MET C 186 3.93 -17.81 -7.38
C MET C 186 4.92 -16.66 -7.12
N LEU C 187 5.55 -16.15 -8.18
CA LEU C 187 6.37 -14.95 -8.09
C LEU C 187 5.52 -13.76 -7.64
N ASP C 188 4.35 -13.58 -8.24
CA ASP C 188 3.47 -12.46 -7.88
C ASP C 188 2.98 -12.54 -6.43
N GLU C 189 2.78 -13.76 -5.93
CA GLU C 189 2.60 -14.03 -4.50
C GLU C 189 3.78 -13.40 -3.72
N CYS C 190 5.00 -13.67 -4.18
CA CYS C 190 6.21 -13.15 -3.54
C CYS C 190 6.34 -11.65 -3.66
N ALA C 191 5.99 -11.11 -4.83
CA ALA C 191 6.12 -9.69 -5.15
C ALA C 191 5.28 -8.85 -4.21
N GLY C 192 4.13 -9.40 -3.85
CA GLY C 192 3.22 -8.78 -2.90
C GLY C 192 3.66 -8.94 -1.47
N THR C 193 4.28 -10.10 -1.14
CA THR C 193 4.88 -10.35 0.20
C THR C 193 5.97 -9.32 0.41
N ALA C 194 6.86 -9.22 -0.59
CA ALA C 194 8.03 -8.35 -0.54
C ALA C 194 7.67 -6.92 -0.11
N GLU C 195 6.70 -6.31 -0.80
CA GLU C 195 6.20 -4.98 -0.45
C GLU C 195 5.88 -4.91 1.06
N ARG C 196 5.11 -5.88 1.54
CA ARG C 196 4.59 -5.92 2.93
C ARG C 196 5.69 -6.16 3.97
N LEU C 197 6.68 -6.99 3.59
CA LEU C 197 7.79 -7.42 4.45
C LEU C 197 8.84 -6.34 4.63
N LYS C 198 9.22 -5.72 3.51
CA LYS C 198 10.00 -4.47 3.52
C LYS C 198 9.32 -3.37 4.37
N ARG C 199 8.00 -3.37 4.44
CA ARG C 199 7.35 -2.38 5.25
C ARG C 199 7.41 -2.73 6.72
N ALA C 200 7.47 -4.02 7.01
CA ALA C 200 7.42 -4.50 8.40
C ALA C 200 8.78 -4.37 9.00
N THR C 201 9.73 -4.86 8.23
CA THR C 201 11.14 -4.88 8.57
C THR C 201 11.90 -4.43 7.32
N PRO C 202 12.12 -3.10 7.16
CA PRO C 202 12.78 -2.61 5.96
C PRO C 202 14.20 -3.13 5.74
N TYR C 203 14.86 -3.54 6.82
CA TYR C 203 16.20 -4.16 6.73
C TYR C 203 16.03 -5.66 6.99
N CYS C 204 15.00 -6.21 6.36
CA CYS C 204 14.88 -7.63 6.22
C CYS C 204 15.21 -7.96 4.80
N LEU C 205 16.02 -8.99 4.71
CA LEU C 205 16.51 -9.45 3.47
C LEU C 205 15.58 -10.58 3.02
N TYR C 206 15.23 -10.57 1.73
CA TYR C 206 14.25 -11.48 1.16
C TYR C 206 14.77 -12.11 -0.13
N PHE C 207 14.93 -13.43 -0.12
CA PHE C 207 15.40 -14.23 -1.27
C PHE C 207 14.35 -15.21 -1.75
N VAL C 208 14.37 -15.49 -3.06
CA VAL C 208 13.56 -16.59 -3.63
C VAL C 208 14.49 -17.66 -4.22
N VAL C 209 14.36 -18.87 -3.70
CA VAL C 209 15.27 -19.98 -4.02
C VAL C 209 14.51 -21.02 -4.85
N ALA C 210 14.87 -21.06 -6.14
CA ALA C 210 14.30 -22.01 -7.09
C ALA C 210 15.39 -22.84 -7.73
N GLU C 211 15.03 -24.07 -8.07
CA GLU C 211 15.93 -24.95 -8.81
C GLU C 211 15.72 -24.66 -10.30
N TYR C 212 14.47 -24.71 -10.75
CA TYR C 212 14.11 -24.44 -12.14
C TYR C 212 13.31 -23.13 -12.28
N LEU C 213 13.43 -22.48 -13.44
CA LEU C 213 12.62 -21.30 -13.77
C LEU C 213 11.52 -21.60 -14.80
N LYS C 214 10.27 -21.27 -14.46
CA LYS C 214 9.12 -21.42 -15.35
C LYS C 214 8.43 -20.06 -15.62
N LEU C 215 9.24 -19.08 -16.03
CA LEU C 215 8.79 -17.71 -16.19
C LEU C 215 8.44 -17.22 -17.60
N ASP C 216 7.47 -16.30 -17.59
CA ASP C 216 6.69 -15.88 -18.73
C ASP C 216 7.41 -14.91 -19.69
N ASP C 217 8.49 -15.41 -20.30
CA ASP C 217 9.18 -14.80 -21.46
C ASP C 217 9.65 -13.36 -21.27
N GLY C 218 8.71 -12.41 -21.39
CA GLY C 218 8.94 -10.97 -21.23
C GLY C 218 9.55 -10.64 -19.88
N ALA C 219 10.20 -9.48 -19.79
CA ALA C 219 10.97 -9.10 -18.61
C ALA C 219 10.21 -9.20 -17.29
N PRO C 220 10.66 -10.11 -16.39
CA PRO C 220 10.07 -10.17 -15.06
C PRO C 220 10.48 -8.96 -14.24
N GLU C 221 9.59 -8.51 -13.35
CA GLU C 221 9.98 -7.47 -12.39
C GLU C 221 10.89 -8.11 -11.36
N LEU C 222 12.01 -7.45 -11.09
CA LEU C 222 12.92 -7.92 -10.08
C LEU C 222 12.68 -7.06 -8.84
N THR C 223 11.90 -6.00 -9.07
CA THR C 223 11.51 -5.00 -8.08
C THR C 223 11.21 -5.61 -6.70
N GLU C 224 11.89 -5.02 -5.71
CA GLU C 224 11.77 -5.27 -4.27
C GLU C 224 12.15 -6.64 -3.69
N ILE C 225 12.16 -7.71 -4.48
CA ILE C 225 12.79 -8.95 -3.99
C ILE C 225 14.30 -8.79 -4.15
N ASP C 226 15.03 -9.04 -3.05
CA ASP C 226 16.47 -8.82 -3.00
C ASP C 226 17.19 -9.70 -4.03
N GLU C 227 17.25 -11.01 -3.79
CA GLU C 227 17.72 -11.91 -4.84
C GLU C 227 16.87 -13.17 -5.10
N ILE C 228 16.90 -13.56 -6.37
CA ILE C 228 16.17 -14.71 -6.84
C ILE C 228 17.22 -15.70 -7.32
N TYR C 229 17.15 -16.89 -6.76
CA TYR C 229 18.15 -17.89 -7.05
C TYR C 229 17.61 -18.96 -7.94
N ILE C 230 18.39 -19.25 -8.98
CA ILE C 230 18.09 -20.34 -9.89
C ILE C 230 19.22 -21.36 -9.81
N LEU C 231 19.09 -22.30 -8.87
CA LEU C 231 20.21 -23.14 -8.43
C LEU C 231 20.68 -24.20 -9.43
N ARG C 232 19.81 -24.61 -10.36
CA ARG C 232 20.19 -25.64 -11.36
C ARG C 232 20.42 -25.07 -12.77
N HIS C 233 20.42 -23.73 -12.89
CA HIS C 233 20.61 -22.99 -14.16
C HIS C 233 19.81 -23.56 -15.38
N GLN C 234 18.59 -24.05 -15.14
CA GLN C 234 17.76 -24.68 -16.18
C GLN C 234 16.30 -24.19 -16.21
N ARG C 235 15.75 -24.09 -17.41
CA ARG C 235 14.33 -23.82 -17.65
C ARG C 235 13.54 -25.10 -17.38
N ASN C 236 12.33 -24.97 -16.83
CA ASN C 236 11.44 -26.10 -16.56
C ASN C 236 10.99 -26.90 -17.80
N SER C 237 10.87 -26.21 -18.95
CA SER C 237 10.54 -26.84 -20.24
C SER C 237 11.60 -27.83 -20.76
N GLU C 238 12.83 -27.70 -20.26
CA GLU C 238 13.94 -28.63 -20.57
C GLU C 238 13.70 -30.04 -20.03
N ARG C 239 12.95 -30.14 -18.91
CA ARG C 239 12.74 -31.41 -18.17
C ARG C 239 12.18 -32.58 -19.00
N ASN C 240 11.44 -32.25 -20.06
CA ASN C 240 10.90 -33.24 -21.01
C ASN C 240 11.60 -33.27 -22.40
N LYS C 241 12.69 -32.49 -22.57
CA LYS C 241 13.35 -32.26 -23.89
C LYS C 241 14.51 -33.25 -24.26
N PRO C 242 14.87 -33.37 -25.58
CA PRO C 242 15.92 -34.34 -25.99
C PRO C 242 17.30 -34.12 -25.34
N GLY C 243 17.85 -35.20 -24.77
CA GLY C 243 19.16 -35.18 -24.13
C GLY C 243 19.25 -34.44 -22.80
N PHE C 244 18.11 -34.27 -22.14
CA PHE C 244 18.05 -33.62 -20.81
C PHE C 244 18.81 -34.43 -19.76
N LYS C 245 19.65 -33.71 -19.01
CA LYS C 245 20.25 -34.21 -17.77
C LYS C 245 20.03 -33.12 -16.71
N PRO C 246 19.38 -33.46 -15.58
CA PRO C 246 19.16 -32.45 -14.53
C PRO C 246 20.46 -32.01 -13.83
N ASN C 247 20.79 -30.72 -13.93
CA ASN C 247 22.01 -30.14 -13.35
C ASN C 247 22.02 -30.22 -11.82
N PRO C 248 23.21 -30.22 -11.18
CA PRO C 248 23.22 -30.17 -9.71
C PRO C 248 22.89 -28.78 -9.19
N ILE C 249 22.36 -28.70 -7.97
CA ILE C 249 22.20 -27.43 -7.27
C ILE C 249 23.59 -26.80 -7.12
N ASP C 250 23.70 -25.54 -7.61
CA ASP C 250 24.95 -24.78 -7.73
C ASP C 250 25.49 -24.23 -6.39
N GLY C 251 26.61 -24.82 -5.95
CA GLY C 251 27.28 -24.46 -4.70
C GLY C 251 27.82 -23.04 -4.62
N GLU C 252 28.12 -22.45 -5.79
CA GLU C 252 28.54 -21.05 -5.89
C GLU C 252 27.44 -20.06 -5.52
N LEU C 253 26.19 -20.40 -5.86
CA LEU C 253 25.03 -19.57 -5.53
C LEU C 253 24.61 -19.70 -4.07
N ILE C 254 24.65 -20.92 -3.53
CA ILE C 254 24.49 -21.16 -2.07
C ILE C 254 25.57 -20.39 -1.29
N TRP C 255 26.80 -20.44 -1.78
CA TRP C 255 27.92 -19.64 -1.26
C TRP C 255 27.62 -18.14 -1.33
N ASP C 256 27.11 -17.67 -2.48
CA ASP C 256 26.69 -16.26 -2.64
C ASP C 256 25.66 -15.87 -1.59
N LEU C 257 24.66 -16.73 -1.42
CA LEU C 257 23.61 -16.56 -0.43
C LEU C 257 24.21 -16.53 0.97
N TYR C 258 25.07 -17.52 1.28
CA TYR C 258 25.68 -17.59 2.60
C TYR C 258 26.43 -16.29 2.91
N GLN C 259 27.22 -15.81 1.95
CA GLN C 259 27.96 -14.56 2.10
C GLN C 259 27.08 -13.33 2.26
N GLU C 260 26.02 -13.24 1.45
CA GLU C 260 25.12 -12.07 1.47
C GLU C 260 24.30 -11.98 2.76
N VAL C 261 23.84 -13.15 3.23
CA VAL C 261 23.21 -13.29 4.55
C VAL C 261 24.17 -12.76 5.61
N MET C 262 25.36 -13.37 5.68
CA MET C 262 26.34 -13.06 6.72
C MET C 262 26.73 -11.58 6.68
N ASN C 263 26.93 -11.05 5.47
CA ASN C 263 27.12 -9.61 5.26
C ASN C 263 25.97 -8.77 5.79
N HIS C 264 24.74 -9.21 5.52
CA HIS C 264 23.55 -8.56 6.06
C HIS C 264 23.58 -8.57 7.59
N LEU C 265 23.91 -9.73 8.17
CA LEU C 265 24.01 -9.86 9.62
C LEU C 265 25.19 -9.08 10.20
N GLY C 266 26.22 -8.90 9.38
CA GLY C 266 27.46 -8.24 9.79
C GLY C 266 27.47 -6.71 9.81
N LYS C 267 26.40 -6.11 9.30
CA LYS C 267 26.31 -4.66 9.15
C LYS C 267 25.61 -3.92 10.31
N ILE C 268 25.64 -2.60 10.25
CA ILE C 268 24.77 -1.81 11.10
C ILE C 268 23.51 -1.47 10.27
N TRP C 269 22.34 -1.78 10.85
CA TRP C 269 21.06 -1.63 10.16
C TRP C 269 20.40 -0.24 10.30
N TRP C 270 19.75 0.08 11.43
CA TRP C 270 19.12 1.41 11.65
C TRP C 270 19.90 2.26 12.66
N ASP C 271 20.31 3.46 12.23
CA ASP C 271 21.13 4.32 13.07
C ASP C 271 20.91 5.78 12.67
N PRO C 272 20.21 6.59 13.51
CA PRO C 272 19.98 8.02 13.19
C PRO C 272 21.26 8.87 13.00
N ASN C 273 22.28 8.63 13.83
CA ASN C 273 23.53 9.37 13.75
C ASN C 273 24.42 8.92 12.58
N SER C 274 24.32 7.65 12.22
CA SER C 274 25.02 7.08 11.05
C SER C 274 24.39 7.54 9.72
N ALA C 275 23.11 7.89 9.75
CA ALA C 275 22.45 8.54 8.62
C ALA C 275 23.12 9.89 8.33
N LEU C 276 23.17 10.78 9.33
CA LEU C 276 23.88 12.08 9.26
C LEU C 276 25.23 11.98 8.54
N GLN C 277 26.20 11.39 9.26
CA GLN C 277 27.58 11.27 8.80
C GLN C 277 27.67 10.55 7.46
N ARG C 278 27.04 9.37 7.35
CA ARG C 278 26.99 8.69 6.06
C ARG C 278 26.21 9.54 5.04
N GLY C 279 24.95 9.81 5.35
CA GLY C 279 23.95 10.32 4.39
C GLY C 279 22.80 9.32 4.23
N LYS C 280 23.15 8.07 3.90
CA LYS C 280 22.20 6.99 3.52
C LYS C 280 21.71 6.06 4.66
N VAL C 281 20.39 5.78 4.69
CA VAL C 281 19.77 4.99 5.76
C VAL C 281 20.19 3.51 5.74
N PHE C 282 19.67 2.73 4.79
CA PHE C 282 20.12 1.34 4.59
C PHE C 282 21.21 1.29 3.52
N ASN D 6 -17.25 13.20 30.84
CA ASN D 6 -17.64 14.44 30.08
C ASN D 6 -16.68 15.64 30.31
N PRO D 7 -15.48 15.62 29.67
CA PRO D 7 -14.56 16.74 29.73
C PRO D 7 -14.43 17.51 28.41
N LEU D 8 -13.69 18.61 28.46
CA LEU D 8 -13.33 19.39 27.29
C LEU D 8 -11.83 19.64 27.32
N VAL D 9 -11.19 19.66 26.16
CA VAL D 9 -9.77 20.04 26.10
C VAL D 9 -9.53 21.55 25.92
N TYR D 10 -10.46 22.22 25.23
CA TYR D 10 -10.38 23.65 24.87
C TYR D 10 -9.18 23.98 23.99
N THR D 11 -9.19 23.44 22.77
CA THR D 11 -8.12 23.63 21.77
C THR D 11 -7.82 25.11 21.45
N HIS D 12 -8.85 25.81 21.00
CA HIS D 12 -8.77 27.22 20.60
C HIS D 12 -8.45 28.15 21.79
N GLY D 13 -9.21 28.01 22.88
CA GLY D 13 -9.03 28.78 24.11
C GLY D 13 -7.66 28.71 24.74
N GLY D 14 -7.09 27.51 24.76
CA GLY D 14 -5.70 27.30 25.19
C GLY D 14 -4.70 28.07 24.35
N LYS D 15 -4.92 28.07 23.03
CA LYS D 15 -4.05 28.77 22.09
C LYS D 15 -4.19 30.28 22.16
N LEU D 16 -5.39 30.75 22.51
CA LEU D 16 -5.63 32.16 22.83
C LEU D 16 -4.85 32.57 24.10
N GLU D 17 -4.87 31.68 25.10
CA GLU D 17 -4.09 31.86 26.34
C GLU D 17 -2.57 31.85 26.16
N ARG D 18 -2.08 30.93 25.33
CA ARG D 18 -0.68 30.83 24.92
C ARG D 18 -0.22 32.14 24.26
N LYS D 19 -0.94 32.56 23.21
CA LYS D 19 -0.62 33.74 22.41
C LYS D 19 -0.55 35.06 23.18
N SER D 20 -1.42 35.24 24.17
CA SER D 20 -1.50 36.50 24.96
C SER D 20 -0.32 36.74 25.93
N LYS D 21 0.53 35.73 26.10
CA LYS D 21 1.74 35.88 26.92
C LYS D 21 2.99 36.04 26.05
N LYS D 22 3.00 35.38 24.88
CA LYS D 22 4.18 35.28 23.99
C LYS D 22 4.26 36.39 22.94
N ASP D 23 3.10 36.81 22.42
CA ASP D 23 2.99 37.81 21.35
C ASP D 23 2.24 39.04 21.89
N LYS D 24 3.00 40.05 22.32
CA LYS D 24 2.42 41.28 22.90
C LYS D 24 1.65 42.17 21.91
N THR D 25 1.92 42.00 20.60
CA THR D 25 1.10 42.59 19.53
C THR D 25 -0.30 41.98 19.60
N ALA D 26 -0.35 40.66 19.51
CA ALA D 26 -1.60 39.90 19.63
C ALA D 26 -2.30 40.11 20.97
N SER D 27 -1.55 40.06 22.08
CA SER D 27 -2.07 40.28 23.44
C SER D 27 -2.80 41.61 23.54
N LYS D 28 -2.17 42.65 22.99
CA LYS D 28 -2.74 43.99 22.91
C LYS D 28 -4.02 43.99 22.05
N VAL D 29 -3.96 43.38 20.86
CA VAL D 29 -5.11 43.29 19.92
C VAL D 29 -6.31 42.50 20.48
N PHE D 30 -6.03 41.40 21.20
CA PHE D 30 -7.06 40.54 21.84
C PHE D 30 -7.98 41.33 22.78
N GLU D 31 -7.35 42.06 23.69
CA GLU D 31 -8.04 42.84 24.71
C GLU D 31 -8.70 44.08 24.08
N GLU D 32 -7.97 44.77 23.21
CA GLU D 32 -8.45 45.96 22.47
C GLU D 32 -9.74 45.71 21.67
N PHE D 33 -9.82 44.57 20.99
CA PHE D 33 -10.95 44.28 20.09
C PHE D 33 -11.92 43.20 20.60
N GLY D 34 -11.73 42.80 21.86
CA GLY D 34 -12.67 41.93 22.57
C GLY D 34 -12.79 40.50 22.09
N VAL D 35 -11.65 39.93 21.69
CA VAL D 35 -11.52 38.53 21.29
C VAL D 35 -11.87 37.62 22.49
N MET D 36 -11.28 37.95 23.64
CA MET D 36 -11.46 37.24 24.92
C MET D 36 -12.94 37.13 25.35
N GLU D 37 -13.65 38.25 25.23
CA GLU D 37 -15.07 38.34 25.61
C GLU D 37 -15.96 37.51 24.68
N ALA D 38 -15.72 37.65 23.37
CA ALA D 38 -16.43 36.90 22.34
C ALA D 38 -16.27 35.39 22.55
N TYR D 39 -15.04 34.99 22.90
CA TYR D 39 -14.73 33.59 23.19
C TYR D 39 -15.48 33.08 24.40
N ASN D 40 -15.43 33.82 25.51
CA ASN D 40 -16.08 33.42 26.77
C ASN D 40 -17.58 33.31 26.63
N CYS D 41 -18.18 34.25 25.90
CA CYS D 41 -19.57 34.17 25.49
C CYS D 41 -19.84 32.83 24.79
N TRP D 42 -19.05 32.54 23.77
CA TRP D 42 -19.16 31.33 22.96
C TRP D 42 -18.98 30.04 23.78
N LYS D 43 -17.94 30.00 24.62
CA LYS D 43 -17.61 28.86 25.48
C LYS D 43 -18.76 28.48 26.40
N GLU D 44 -19.26 29.49 27.11
CA GLU D 44 -20.29 29.28 28.11
C GLU D 44 -21.66 29.06 27.47
N ALA D 45 -21.92 29.74 26.34
CA ALA D 45 -23.15 29.54 25.55
C ALA D 45 -23.25 28.13 24.94
N SER D 46 -22.09 27.58 24.58
CA SER D 46 -22.01 26.21 24.08
C SER D 46 -22.27 25.18 25.18
N LEU D 47 -21.65 25.39 26.36
CA LEU D 47 -21.88 24.54 27.54
C LEU D 47 -23.32 24.52 28.06
N CYS D 48 -24.09 25.54 27.69
CA CYS D 48 -25.51 25.68 28.08
C CYS D 48 -26.49 24.73 27.40
N ILE D 49 -26.20 24.33 26.16
CA ILE D 49 -27.09 23.46 25.39
C ILE D 49 -26.77 21.99 25.69
N GLN D 50 -27.65 21.32 26.44
CA GLN D 50 -27.34 20.02 27.08
C GLN D 50 -28.06 18.78 26.54
N GLN D 51 -29.15 19.00 25.80
CA GLN D 51 -29.87 17.90 25.14
C GLN D 51 -29.31 17.78 23.73
N ARG D 52 -29.53 16.64 23.07
CA ARG D 52 -29.00 16.43 21.71
C ARG D 52 -30.03 16.01 20.64
N ASP D 53 -31.21 16.64 20.68
CA ASP D 53 -32.19 16.58 19.59
C ASP D 53 -31.79 17.56 18.49
N LYS D 54 -32.41 17.41 17.31
CA LYS D 54 -32.10 18.19 16.09
C LYS D 54 -31.98 19.70 16.33
N ASP D 55 -33.00 20.25 16.99
CA ASP D 55 -33.10 21.67 17.37
C ASP D 55 -31.93 22.16 18.22
N SER D 56 -31.57 21.37 19.23
CA SER D 56 -30.48 21.69 20.16
C SER D 56 -29.15 21.90 19.43
N VAL D 57 -28.87 21.00 18.47
CA VAL D 57 -27.67 21.04 17.65
C VAL D 57 -27.59 22.32 16.81
N LEU D 58 -28.74 22.72 16.27
CA LEU D 58 -28.86 23.96 15.48
C LEU D 58 -28.52 25.19 16.32
N LYS D 59 -28.99 25.19 17.57
CA LYS D 59 -28.63 26.22 18.57
C LYS D 59 -27.11 26.29 18.82
N LEU D 60 -26.48 25.13 18.98
CA LEU D 60 -25.02 25.02 19.09
C LEU D 60 -24.28 25.62 17.90
N VAL D 61 -24.80 25.35 16.69
CA VAL D 61 -24.22 25.84 15.43
C VAL D 61 -24.32 27.37 15.36
N ALA D 62 -25.47 27.90 15.81
CA ALA D 62 -25.70 29.34 15.87
C ALA D 62 -24.67 30.07 16.72
N ALA D 63 -24.29 29.45 17.86
CA ALA D 63 -23.25 29.97 18.76
C ALA D 63 -21.88 30.05 18.08
N LEU D 64 -21.56 29.02 17.30
CA LEU D 64 -20.33 28.96 16.51
C LEU D 64 -20.27 30.08 15.46
N ASN D 65 -21.37 30.26 14.73
CA ASN D 65 -21.50 31.29 13.69
C ASN D 65 -21.33 32.71 14.27
N THR D 66 -21.98 32.97 15.43
CA THR D 66 -21.84 34.23 16.18
C THR D 66 -20.37 34.54 16.52
N TYR D 67 -19.67 33.56 17.08
CA TYR D 67 -18.27 33.72 17.48
C TYR D 67 -17.34 34.06 16.31
N LYS D 68 -17.47 33.32 15.20
CA LYS D 68 -16.66 33.54 13.98
C LYS D 68 -16.92 34.92 13.37
N ASP D 69 -18.18 35.35 13.37
CA ASP D 69 -18.59 36.69 12.90
C ASP D 69 -17.91 37.82 13.68
N ALA D 70 -17.79 37.62 15.00
CA ALA D 70 -17.15 38.59 15.88
C ALA D 70 -15.62 38.61 15.74
N VAL D 71 -15.02 37.42 15.67
CA VAL D 71 -13.57 37.22 15.90
C VAL D 71 -12.68 37.13 14.65
N GLU D 72 -13.16 36.46 13.60
CA GLU D 72 -12.39 36.23 12.37
C GLU D 72 -12.01 37.51 11.58
N PRO D 73 -12.90 38.54 11.54
CA PRO D 73 -12.49 39.80 10.88
C PRO D 73 -11.31 40.52 11.56
N ILE D 74 -11.19 40.37 12.89
CA ILE D 74 -10.05 40.90 13.66
C ILE D 74 -8.77 40.16 13.28
N PHE D 75 -8.85 38.83 13.25
CA PHE D 75 -7.71 37.96 12.91
C PHE D 75 -7.16 38.24 11.50
N ASP D 76 -8.06 38.38 10.53
CA ASP D 76 -7.71 38.59 9.12
C ASP D 76 -7.03 39.94 8.85
N SER D 77 -7.51 41.00 9.49
CA SER D 77 -7.03 42.36 9.21
C SER D 77 -5.92 42.86 10.16
N ARG D 78 -5.85 42.33 11.39
CA ARG D 78 -4.99 42.91 12.44
C ARG D 78 -3.86 42.02 13.00
N LEU D 79 -3.82 40.75 12.56
CA LEU D 79 -2.75 39.83 12.96
C LEU D 79 -2.11 39.04 11.83
N ASN D 80 -0.80 38.83 11.98
CA ASN D 80 0.01 38.05 11.05
C ASN D 80 -0.02 36.55 11.35
N SER D 81 0.32 36.19 12.59
CA SER D 81 0.46 34.81 13.03
C SER D 81 -0.85 34.27 13.62
N ALA D 82 -1.88 34.20 12.77
CA ALA D 82 -3.22 33.80 13.21
C ALA D 82 -3.96 32.83 12.29
N GLN D 83 -3.76 32.97 10.98
CA GLN D 83 -4.52 32.22 9.94
C GLN D 83 -4.41 30.70 10.10
N GLU D 84 -3.18 30.21 10.31
CA GLU D 84 -2.91 28.80 10.57
C GLU D 84 -2.35 28.57 11.99
N VAL D 85 -2.59 29.53 12.89
CA VAL D 85 -2.11 29.48 14.29
C VAL D 85 -3.22 29.32 15.35
N LEU D 86 -4.37 29.97 15.14
CA LEU D 86 -5.58 29.89 15.93
C LEU D 86 -7.02 29.78 15.29
N GLN D 87 -7.05 30.20 14.02
CA GLN D 87 -8.28 30.22 13.18
C GLN D 87 -8.77 28.76 13.03
N PRO D 88 -7.89 27.80 12.63
CA PRO D 88 -8.42 26.44 12.38
C PRO D 88 -8.86 25.70 13.63
N SER D 89 -8.37 26.12 14.80
CA SER D 89 -8.75 25.51 16.08
C SER D 89 -10.16 25.87 16.53
N ILE D 90 -10.79 26.85 15.87
CA ILE D 90 -12.19 27.22 16.15
C ILE D 90 -13.15 26.03 15.93
N LEU D 91 -13.11 25.46 14.72
CA LEU D 91 -13.87 24.25 14.38
C LEU D 91 -13.54 23.05 15.27
N GLU D 92 -12.25 22.90 15.61
CA GLU D 92 -11.74 21.84 16.50
C GLU D 92 -12.37 21.89 17.89
N GLU D 93 -12.37 23.08 18.49
CA GLU D 93 -13.02 23.28 19.78
C GLU D 93 -14.54 23.13 19.68
N PHE D 94 -15.15 23.60 18.58
CA PHE D 94 -16.61 23.45 18.39
C PHE D 94 -17.08 21.99 18.47
N PHE D 95 -16.33 21.11 17.82
CA PHE D 95 -16.60 19.69 17.87
C PHE D 95 -16.32 19.10 19.25
N GLU D 96 -15.37 19.67 20.00
CA GLU D 96 -15.17 19.30 21.40
C GLU D 96 -16.44 19.50 22.22
N TYR D 97 -17.08 20.64 22.01
CA TYR D 97 -18.35 20.98 22.65
C TYR D 97 -19.46 20.00 22.25
N LEU D 98 -19.70 19.86 20.94
CA LEU D 98 -20.79 19.02 20.40
C LEU D 98 -20.76 17.57 20.92
N PHE D 99 -19.56 17.05 21.12
CA PHE D 99 -19.38 15.67 21.52
C PHE D 99 -19.02 15.50 22.99
N SER D 100 -18.99 16.60 23.73
CA SER D 100 -18.70 16.55 25.18
C SER D 100 -19.75 15.78 26.00
N ARG D 101 -20.91 15.48 25.40
CA ARG D 101 -22.02 14.84 26.12
C ARG D 101 -22.37 13.44 25.60
N ILE D 102 -21.37 12.73 25.08
CA ILE D 102 -21.63 11.38 24.56
C ILE D 102 -21.44 10.25 25.57
N ASP D 103 -20.65 10.46 26.64
CA ASP D 103 -20.35 9.39 27.63
C ASP D 103 -21.61 8.75 28.18
N SER D 104 -22.57 9.61 28.54
CA SER D 104 -23.90 9.21 28.95
C SER D 104 -24.63 8.38 27.88
N ILE D 105 -24.61 8.86 26.63
CA ILE D 105 -25.30 8.18 25.53
C ILE D 105 -24.63 6.85 25.21
N VAL D 106 -23.31 6.89 25.03
CA VAL D 106 -22.54 5.71 24.61
C VAL D 106 -22.44 4.67 25.73
N GLY D 107 -22.45 5.13 26.98
CA GLY D 107 -22.56 4.25 28.15
C GLY D 107 -21.26 3.72 28.72
N VAL D 108 -20.15 4.37 28.35
CA VAL D 108 -18.80 4.11 28.89
C VAL D 108 -17.95 5.38 28.74
N ASN D 109 -16.85 5.46 29.49
CA ASN D 109 -15.97 6.63 29.45
C ASN D 109 -15.02 6.60 28.27
N ILE D 110 -15.29 7.45 27.28
CA ILE D 110 -14.39 7.69 26.16
C ILE D 110 -13.29 8.63 26.63
N PRO D 111 -12.00 8.21 26.54
CA PRO D 111 -10.89 9.11 26.91
C PRO D 111 -10.47 10.18 25.87
N ILE D 112 -10.78 9.96 24.58
CA ILE D 112 -10.30 10.82 23.47
C ILE D 112 -11.47 11.46 22.68
N ARG D 113 -11.66 12.77 22.86
CA ARG D 113 -12.67 13.56 22.13
C ARG D 113 -12.17 14.97 21.79
N HIS D 114 -11.08 15.02 21.03
CA HIS D 114 -10.30 16.24 20.83
C HIS D 114 -9.20 15.96 19.80
N PRO D 115 -8.37 16.96 19.41
CA PRO D 115 -7.23 16.56 18.59
C PRO D 115 -6.26 15.65 19.36
N ALA D 116 -5.76 14.62 18.65
CA ALA D 116 -4.73 13.66 19.09
C ALA D 116 -4.18 12.92 17.87
N LYS D 117 -3.19 12.05 18.09
CA LYS D 117 -2.51 11.31 17.01
C LYS D 117 -3.07 9.89 16.80
N GLY D 118 -3.82 9.72 15.71
CA GLY D 118 -4.44 8.44 15.39
C GLY D 118 -3.49 7.42 14.79
N TYR D 119 -3.20 6.35 15.55
CA TYR D 119 -2.37 5.20 15.13
C TYR D 119 -2.58 4.75 13.69
N LEU D 120 -1.48 4.53 12.98
CA LEU D 120 -1.50 4.00 11.60
C LEU D 120 -0.77 2.64 11.48
N SER D 121 0.47 2.58 11.96
CA SER D 121 1.22 1.35 11.84
C SER D 121 2.40 1.27 12.78
N LEU D 122 2.81 0.03 12.99
CA LEU D 122 4.02 -0.40 13.68
C LEU D 122 4.96 -1.15 12.71
N SER D 123 6.26 -0.89 12.83
CA SER D 123 7.29 -1.54 12.01
C SER D 123 8.62 -1.63 12.77
N PHE D 124 9.38 -2.67 12.47
CA PHE D 124 10.56 -3.00 13.23
C PHE D 124 11.80 -2.57 12.49
N ASN D 125 12.61 -1.73 13.14
CA ASN D 125 13.86 -1.25 12.59
C ASN D 125 15.03 -1.57 13.52
N PRO D 126 15.57 -2.82 13.44
CA PRO D 126 16.70 -3.23 14.29
C PRO D 126 18.04 -2.61 13.96
N HIS D 127 18.66 -1.95 14.95
CA HIS D 127 19.99 -1.31 14.92
C HIS D 127 21.15 -2.26 14.52
N ASN D 128 21.08 -3.50 15.01
CA ASN D 128 21.95 -4.59 14.58
C ASN D 128 21.30 -5.91 14.96
N ILE D 129 22.03 -6.99 14.73
CA ILE D 129 21.51 -8.34 14.93
C ILE D 129 21.23 -8.67 16.40
N GLU D 130 22.22 -8.39 17.25
CA GLU D 130 22.08 -8.52 18.70
C GLU D 130 20.86 -7.73 19.20
N THR D 131 20.73 -6.46 18.78
CA THR D 131 19.56 -5.60 19.03
C THR D 131 18.20 -6.25 18.69
N LEU D 132 18.10 -6.81 17.47
CA LEU D 132 16.89 -7.47 16.95
C LEU D 132 16.46 -8.57 17.89
N ILE D 133 17.44 -9.41 18.23
CA ILE D 133 17.25 -10.53 19.13
C ILE D 133 16.97 -10.17 20.59
N GLN D 134 17.69 -9.16 21.12
CA GLN D 134 17.62 -8.76 22.57
C GLN D 134 16.40 -7.92 22.96
N SER D 135 16.17 -6.83 22.24
CA SER D 135 14.87 -6.18 22.17
C SER D 135 14.97 -5.18 21.03
N PRO D 136 14.27 -5.48 19.92
CA PRO D 136 14.28 -4.67 18.70
C PRO D 136 13.54 -3.35 18.90
N GLU D 137 14.06 -2.32 18.24
CA GLU D 137 13.43 -1.03 18.25
C GLU D 137 12.41 -1.12 17.14
N TYR D 138 11.26 -0.48 17.40
CA TYR D 138 10.13 -0.49 16.52
C TYR D 138 9.68 0.94 16.37
N THR D 139 8.88 1.26 15.36
CA THR D 139 8.37 2.63 15.21
C THR D 139 6.84 2.69 15.00
N VAL D 140 6.16 3.61 15.70
CA VAL D 140 4.69 3.80 15.54
C VAL D 140 4.41 5.06 14.75
N ARG D 141 3.86 4.92 13.55
CA ARG D 141 3.42 6.10 12.81
C ARG D 141 1.98 6.40 13.14
N ALA D 142 1.71 7.70 13.36
CA ALA D 142 0.40 8.23 13.69
C ALA D 142 0.19 9.51 12.95
N LYS D 143 -1.06 9.82 12.57
CA LYS D 143 -1.41 11.10 11.92
C LYS D 143 -2.07 12.03 12.92
N ASP D 144 -1.61 13.28 12.97
CA ASP D 144 -2.30 14.34 13.72
C ASP D 144 -3.65 14.49 13.04
N HIS D 145 -4.72 14.39 13.82
CA HIS D 145 -6.06 14.73 13.35
C HIS D 145 -6.63 15.84 14.20
N ASP D 146 -7.43 16.68 13.53
CA ASP D 146 -8.01 17.87 14.11
C ASP D 146 -9.02 17.50 15.19
N PHE D 147 -9.72 16.37 14.99
CA PHE D 147 -10.69 15.83 15.97
C PHE D 147 -10.87 14.31 15.93
N ILE D 148 -10.51 13.65 17.05
CA ILE D 148 -10.61 12.20 17.20
C ILE D 148 -11.53 11.81 18.36
N ILE D 149 -12.46 10.89 18.08
CA ILE D 149 -13.18 10.18 19.12
C ILE D 149 -12.64 8.75 19.14
N GLY D 150 -12.06 8.34 20.27
CA GLY D 150 -11.55 6.96 20.42
C GLY D 150 -10.99 6.57 21.77
N GLY D 151 -10.39 5.39 21.84
CA GLY D 151 -9.79 4.94 23.10
C GLY D 151 -8.29 4.92 23.05
N SER D 152 -7.67 4.91 24.23
CA SER D 152 -6.21 4.73 24.30
C SER D 152 -5.82 3.34 24.77
N ALA D 153 -4.66 2.90 24.31
CA ALA D 153 -4.09 1.62 24.70
C ALA D 153 -2.60 1.80 24.89
N LYS D 154 -1.95 0.72 25.34
CA LYS D 154 -0.52 0.76 25.62
C LYS D 154 0.16 -0.43 24.97
N LEU D 155 0.88 -0.15 23.89
CA LEU D 155 1.58 -1.16 23.08
C LEU D 155 2.94 -1.51 23.69
N THR D 156 3.32 -2.79 23.60
CA THR D 156 4.48 -3.31 24.32
C THR D 156 5.23 -4.41 23.59
N ILE D 157 6.55 -4.27 23.55
CA ILE D 157 7.46 -5.23 22.93
C ILE D 157 8.56 -5.57 23.92
N GLN D 158 8.84 -6.87 24.13
CA GLN D 158 9.97 -7.36 24.94
C GLN D 158 10.75 -8.34 24.09
N GLY D 159 12.07 -8.27 24.15
CA GLY D 159 12.87 -9.17 23.35
C GLY D 159 13.38 -10.30 24.21
N HIS D 160 14.41 -10.97 23.70
CA HIS D 160 15.09 -12.08 24.37
C HIS D 160 15.64 -11.66 25.71
N GLY D 161 16.09 -10.40 25.78
CA GLY D 161 16.60 -9.77 27.00
C GLY D 161 15.56 -9.25 27.99
N GLY D 162 14.28 -9.52 27.72
CA GLY D 162 13.20 -9.33 28.69
C GLY D 162 12.76 -7.93 29.11
N GLU D 163 13.53 -6.90 28.80
CA GLU D 163 13.17 -5.54 29.21
C GLU D 163 12.23 -4.81 28.22
N GLY D 164 11.03 -4.45 28.69
CA GLY D 164 9.92 -3.93 27.84
C GLY D 164 9.96 -2.53 27.23
N GLU D 165 9.31 -2.37 26.09
CA GLU D 165 9.22 -1.10 25.35
C GLU D 165 7.76 -0.74 25.19
N THR D 166 7.32 0.33 25.86
CA THR D 166 5.90 0.66 25.93
C THR D 166 5.55 2.02 25.30
N THR D 167 4.68 2.05 24.29
CA THR D 167 4.29 3.34 23.66
C THR D 167 2.78 3.64 23.75
N ASN D 168 2.45 4.86 24.14
CA ASN D 168 1.06 5.25 24.32
C ASN D 168 0.40 5.53 22.98
N ILE D 169 -0.54 4.69 22.56
CA ILE D 169 -1.21 4.86 21.24
C ILE D 169 -2.74 5.11 21.29
N VAL D 170 -3.27 5.73 20.24
CA VAL D 170 -4.69 6.04 20.19
C VAL D 170 -5.33 5.48 18.94
N VAL D 171 -6.31 4.60 19.20
CA VAL D 171 -6.96 3.77 18.21
C VAL D 171 -8.31 4.45 18.05
N PRO D 172 -8.54 5.08 16.90
CA PRO D 172 -9.73 5.96 16.71
C PRO D 172 -11.03 5.25 16.28
N ALA D 173 -12.16 5.85 16.66
CA ALA D 173 -13.49 5.49 16.16
C ALA D 173 -13.93 6.47 15.05
N VAL D 174 -13.74 7.76 15.26
CA VAL D 174 -14.00 8.77 14.24
C VAL D 174 -12.82 9.75 14.25
N ALA D 175 -12.31 10.05 13.05
CA ALA D 175 -11.24 11.04 12.85
C ALA D 175 -11.76 12.11 11.92
N ILE D 176 -11.59 13.37 12.29
CA ILE D 176 -12.17 14.47 11.53
C ILE D 176 -11.13 15.56 11.23
N GLU D 177 -11.05 15.94 9.95
CA GLU D 177 -10.19 17.05 9.51
C GLU D 177 -10.98 18.33 9.28
N CYS D 178 -10.49 19.43 9.85
CA CYS D 178 -11.15 20.74 9.77
C CYS D 178 -10.30 21.79 9.04
N LYS D 179 -10.82 22.28 7.92
CA LYS D 179 -10.16 23.32 7.10
C LYS D 179 -11.12 24.50 6.85
N ARG D 180 -10.55 25.69 6.69
CA ARG D 180 -11.30 26.90 6.29
C ARG D 180 -11.78 26.78 4.83
N TYR D 181 -10.84 26.41 3.96
CA TYR D 181 -11.11 26.05 2.58
C TYR D 181 -10.18 24.89 2.21
N LEU D 182 -10.70 23.94 1.44
CA LEU D 182 -9.94 22.77 1.04
C LEU D 182 -9.54 22.89 -0.42
N GLU D 183 -8.24 22.76 -0.69
CA GLU D 183 -7.75 22.56 -2.07
C GLU D 183 -7.12 21.19 -2.26
N ARG D 184 -6.84 20.82 -3.51
CA ARG D 184 -6.56 19.44 -3.90
C ARG D 184 -5.30 18.80 -3.30
N ASN D 185 -4.23 19.56 -3.14
CA ASN D 185 -3.00 19.07 -2.50
C ASN D 185 -3.23 18.73 -1.02
N MET D 186 -4.21 19.39 -0.40
CA MET D 186 -4.66 19.08 0.97
C MET D 186 -5.60 17.87 0.98
N LEU D 187 -6.48 17.78 -0.02
CA LEU D 187 -7.31 16.60 -0.21
C LEU D 187 -6.45 15.36 -0.44
N ASP D 188 -5.45 15.48 -1.31
CA ASP D 188 -4.57 14.35 -1.62
C ASP D 188 -3.77 13.89 -0.38
N GLU D 189 -3.40 14.83 0.48
CA GLU D 189 -2.90 14.54 1.83
C GLU D 189 -3.90 13.61 2.55
N CYS D 190 -5.19 13.98 2.51
CA CYS D 190 -6.24 13.23 3.16
C CYS D 190 -6.47 11.87 2.51
N ALA D 191 -6.42 11.83 1.18
CA ALA D 191 -6.69 10.63 0.38
C ALA D 191 -5.69 9.52 0.73
N GLY D 192 -4.46 9.94 1.00
CA GLY D 192 -3.39 9.06 1.42
C GLY D 192 -3.51 8.65 2.87
N THR D 193 -3.98 9.57 3.73
CA THR D 193 -4.26 9.26 5.17
C THR D 193 -5.33 8.20 5.21
N ALA D 194 -6.41 8.44 4.46
CA ALA D 194 -7.58 7.58 4.45
C ALA D 194 -7.20 6.11 4.21
N GLU D 195 -6.43 5.84 3.16
CA GLU D 195 -5.93 4.49 2.87
C GLU D 195 -5.30 3.88 4.11
N ARG D 196 -4.38 4.63 4.75
CA ARG D 196 -3.57 4.16 5.88
C ARG D 196 -4.41 3.95 7.16
N LEU D 197 -5.41 4.81 7.35
CA LEU D 197 -6.30 4.85 8.53
C LEU D 197 -7.32 3.73 8.52
N LYS D 198 -7.96 3.55 7.36
CA LYS D 198 -8.78 2.35 7.08
C LYS D 198 -7.98 1.06 7.28
N ARG D 199 -6.67 1.09 7.04
CA ARG D 199 -5.90 -0.11 7.25
C ARG D 199 -5.62 -0.34 8.73
N ALA D 200 -5.55 0.75 9.49
CA ALA D 200 -5.18 0.68 10.91
C ALA D 200 -6.37 0.28 11.70
N THR D 201 -7.46 0.97 11.40
CA THR D 201 -8.76 0.80 12.02
C THR D 201 -9.79 0.81 10.90
N PRO D 202 -10.09 -0.37 10.31
CA PRO D 202 -11.02 -0.41 9.17
C PRO D 202 -12.42 0.08 9.49
N TYR D 203 -12.82 0.04 10.76
CA TYR D 203 -14.12 0.59 11.19
C TYR D 203 -13.85 1.90 11.95
N CYS D 204 -12.96 2.68 11.36
CA CYS D 204 -12.81 4.06 11.74
C CYS D 204 -13.43 4.87 10.66
N LEU D 205 -14.19 5.83 11.14
CA LEU D 205 -14.93 6.71 10.31
C LEU D 205 -14.07 7.96 10.14
N TYR D 206 -14.01 8.44 8.89
CA TYR D 206 -13.14 9.57 8.51
C TYR D 206 -13.90 10.61 7.69
N PHE D 207 -13.99 11.82 8.24
CA PHE D 207 -14.66 12.96 7.61
C PHE D 207 -13.71 14.11 7.33
N VAL D 208 -14.00 14.87 6.25
CA VAL D 208 -13.29 16.13 5.98
C VAL D 208 -14.28 17.30 6.07
N VAL D 209 -13.98 18.23 6.96
CA VAL D 209 -14.88 19.33 7.30
C VAL D 209 -14.29 20.64 6.78
N ALA D 210 -14.90 21.16 5.71
CA ALA D 210 -14.50 22.42 5.09
C ALA D 210 -15.68 23.37 5.07
N GLU D 211 -15.35 24.66 5.14
CA GLU D 211 -16.35 25.72 5.01
C GLU D 211 -16.49 26.02 3.52
N TYR D 212 -15.36 26.29 2.86
CA TYR D 212 -15.33 26.58 1.42
C TYR D 212 -14.63 25.46 0.63
N LEU D 213 -15.03 25.29 -0.64
CA LEU D 213 -14.37 24.35 -1.55
C LEU D 213 -13.52 25.07 -2.62
N LYS D 214 -12.24 24.69 -2.69
CA LYS D 214 -11.30 25.21 -3.72
C LYS D 214 -10.76 24.07 -4.61
N LEU D 215 -11.68 23.29 -5.17
CA LEU D 215 -11.34 22.09 -5.93
C LEU D 215 -11.34 22.18 -7.45
N ASP D 216 -10.45 21.38 -8.01
CA ASP D 216 -9.95 21.45 -9.37
C ASP D 216 -10.90 20.89 -10.45
N ASP D 217 -12.09 21.52 -10.56
CA ASP D 217 -13.03 21.35 -11.69
C ASP D 217 -13.49 19.91 -11.96
N GLY D 218 -12.62 19.14 -12.63
CA GLY D 218 -12.87 17.74 -12.99
C GLY D 218 -13.16 16.88 -11.76
N ALA D 219 -13.81 15.74 -11.98
CA ALA D 219 -14.33 14.90 -10.90
C ALA D 219 -13.31 14.54 -9.84
N PRO D 220 -13.52 15.02 -8.59
CA PRO D 220 -12.65 14.60 -7.49
C PRO D 220 -12.93 13.15 -7.12
N GLU D 221 -11.89 12.44 -6.68
CA GLU D 221 -12.10 11.11 -6.12
C GLU D 221 -12.74 11.27 -4.75
N LEU D 222 -13.80 10.50 -4.52
CA LEU D 222 -14.46 10.51 -3.24
C LEU D 222 -13.99 9.26 -2.50
N THR D 223 -13.31 8.42 -3.26
CA THR D 223 -12.75 7.14 -2.82
C THR D 223 -12.14 7.19 -1.42
N GLU D 224 -12.62 6.24 -0.61
CA GLU D 224 -12.17 5.96 0.76
C GLU D 224 -12.36 6.99 1.88
N ILE D 225 -12.49 8.28 1.57
CA ILE D 225 -12.96 9.22 2.60
C ILE D 225 -14.47 9.07 2.73
N ASP D 226 -14.93 8.86 3.97
CA ASP D 226 -16.33 8.57 4.26
C ASP D 226 -17.21 9.74 3.82
N GLU D 227 -17.17 10.86 4.55
CA GLU D 227 -17.82 12.08 4.05
C GLU D 227 -16.99 13.37 4.10
N ILE D 228 -17.27 14.22 3.12
CA ILE D 228 -16.62 15.49 2.96
C ILE D 228 -17.69 16.54 3.13
N TYR D 229 -17.45 17.44 4.07
CA TYR D 229 -18.45 18.43 4.41
C TYR D 229 -18.07 19.77 3.89
N ILE D 230 -19.04 20.41 3.24
CA ILE D 230 -18.89 21.77 2.77
C ILE D 230 -19.94 22.63 3.48
N LEU D 231 -19.57 23.15 4.64
CA LEU D 231 -20.52 23.71 5.60
C LEU D 231 -21.15 25.05 5.22
N ARG D 232 -20.49 25.83 4.35
CA ARG D 232 -21.02 27.13 3.91
C ARG D 232 -21.59 27.14 2.48
N HIS D 233 -21.67 25.95 1.87
CA HIS D 233 -22.17 25.74 0.49
C HIS D 233 -21.63 26.75 -0.57
N GLN D 234 -20.37 27.16 -0.43
CA GLN D 234 -19.76 28.17 -1.31
C GLN D 234 -18.38 27.79 -1.85
N ARG D 235 -18.11 28.17 -3.09
CA ARG D 235 -16.79 28.06 -3.71
C ARG D 235 -15.91 29.19 -3.17
N ASN D 236 -14.61 28.91 -2.99
CA ASN D 236 -13.62 29.89 -2.52
C ASN D 236 -13.43 31.13 -3.44
N SER D 237 -13.59 30.92 -4.75
CA SER D 237 -13.53 32.01 -5.75
C SER D 237 -14.64 33.07 -5.61
N GLU D 238 -15.74 32.71 -4.93
CA GLU D 238 -16.83 33.64 -4.61
C GLU D 238 -16.42 34.75 -3.65
N ARG D 239 -15.44 34.46 -2.78
CA ARG D 239 -15.02 35.37 -1.68
C ARG D 239 -14.61 36.78 -2.11
N ASN D 240 -14.14 36.92 -3.35
CA ASN D 240 -13.78 38.21 -3.96
C ASN D 240 -14.77 38.72 -5.04
N LYS D 241 -15.89 38.02 -5.23
CA LYS D 241 -16.85 38.28 -6.36
C LYS D 241 -18.01 39.29 -6.06
N PRO D 242 -18.66 39.88 -7.12
CA PRO D 242 -19.72 40.89 -6.88
C PRO D 242 -20.93 40.40 -6.07
N GLY D 243 -21.29 41.15 -5.03
CA GLY D 243 -22.42 40.84 -4.16
C GLY D 243 -22.25 39.65 -3.22
N PHE D 244 -20.99 39.28 -2.95
CA PHE D 244 -20.67 38.19 -2.03
C PHE D 244 -21.14 38.49 -0.60
N LYS D 245 -21.82 37.52 -0.02
CA LYS D 245 -22.10 37.49 1.41
C LYS D 245 -21.71 36.09 1.90
N PRO D 246 -20.79 35.99 2.91
CA PRO D 246 -20.41 34.66 3.42
C PRO D 246 -21.54 33.95 4.18
N ASN D 247 -21.95 32.79 3.66
CA ASN D 247 -23.03 31.98 4.23
C ASN D 247 -22.70 31.47 5.65
N PRO D 248 -23.73 31.19 6.48
CA PRO D 248 -23.42 30.57 7.78
C PRO D 248 -23.06 29.10 7.64
N ILE D 249 -22.28 28.59 8.60
CA ILE D 249 -22.02 27.15 8.72
C ILE D 249 -23.37 26.45 8.90
N ASP D 250 -23.64 25.47 8.03
CA ASP D 250 -24.93 24.76 7.90
C ASP D 250 -25.17 23.72 9.01
N GLY D 251 -26.14 24.05 9.87
CA GLY D 251 -26.55 23.21 11.02
C GLY D 251 -27.11 21.85 10.66
N GLU D 252 -27.68 21.73 9.46
CA GLU D 252 -28.19 20.46 8.93
C GLU D 252 -27.08 19.44 8.64
N LEU D 253 -25.92 19.94 8.19
CA LEU D 253 -24.75 19.10 7.92
C LEU D 253 -24.01 18.69 9.20
N ILE D 254 -23.88 19.61 10.15
CA ILE D 254 -23.40 19.29 11.51
C ILE D 254 -24.31 18.23 12.16
N TRP D 255 -25.62 18.41 12.01
CA TRP D 255 -26.63 17.42 12.42
C TRP D 255 -26.41 16.07 11.72
N ASP D 256 -26.19 16.09 10.40
CA ASP D 256 -25.88 14.87 9.63
C ASP D 256 -24.67 14.15 10.21
N LEU D 257 -23.62 14.93 10.47
CA LEU D 257 -22.39 14.44 11.06
C LEU D 257 -22.67 13.85 12.44
N TYR D 258 -23.39 14.61 13.28
CA TYR D 258 -23.70 14.16 14.63
C TYR D 258 -24.41 12.81 14.58
N GLN D 259 -25.41 12.70 13.71
CA GLN D 259 -26.17 11.45 13.54
C GLN D 259 -25.32 10.29 13.03
N GLU D 260 -24.47 10.56 12.04
CA GLU D 260 -23.64 9.50 11.42
C GLU D 260 -22.57 8.97 12.35
N VAL D 261 -21.96 9.89 13.12
CA VAL D 261 -21.05 9.56 14.21
C VAL D 261 -21.77 8.63 15.18
N MET D 262 -22.89 9.12 15.74
CA MET D 262 -23.62 8.40 16.78
C MET D 262 -24.07 7.03 16.29
N ASN D 263 -24.56 6.97 15.05
CA ASN D 263 -24.86 5.71 14.36
C ASN D 263 -23.67 4.78 14.28
N HIS D 264 -22.51 5.35 13.92
CA HIS D 264 -21.26 4.60 13.89
C HIS D 264 -20.95 4.04 15.28
N LEU D 265 -21.08 4.88 16.31
CA LEU D 265 -20.84 4.46 17.69
C LEU D 265 -21.88 3.48 18.18
N GLY D 266 -23.09 3.57 17.62
CA GLY D 266 -24.23 2.76 18.05
C GLY D 266 -24.30 1.34 17.50
N LYS D 267 -23.40 1.01 16.57
CA LYS D 267 -23.45 -0.28 15.89
C LYS D 267 -22.53 -1.37 16.48
N ILE D 268 -22.63 -2.57 15.93
CA ILE D 268 -21.61 -3.58 16.17
C ILE D 268 -20.62 -3.52 15.02
N TRP D 269 -19.33 -3.39 15.36
CA TRP D 269 -18.25 -3.22 14.40
C TRP D 269 -17.64 -4.54 13.84
N TRP D 270 -16.77 -5.23 14.59
CA TRP D 270 -16.16 -6.53 14.15
C TRP D 270 -16.74 -7.71 14.91
N ASP D 271 -17.29 -8.69 14.18
CA ASP D 271 -17.91 -9.84 14.79
C ASP D 271 -17.86 -11.03 13.83
N PRO D 272 -17.03 -12.06 14.11
CA PRO D 272 -16.94 -13.25 13.23
C PRO D 272 -18.27 -14.02 13.02
N ASN D 273 -19.06 -14.15 14.08
CA ASN D 273 -20.34 -14.86 14.02
C ASN D 273 -21.45 -14.04 13.33
N SER D 274 -21.37 -12.72 13.46
CA SER D 274 -22.27 -11.77 12.79
C SER D 274 -21.99 -11.67 11.28
N ALA D 275 -20.74 -11.95 10.89
CA ALA D 275 -20.38 -12.09 9.48
C ALA D 275 -21.17 -13.25 8.85
N LEU D 276 -21.03 -14.47 9.42
CA LEU D 276 -21.81 -15.66 9.03
C LEU D 276 -23.27 -15.36 8.72
N GLN D 277 -24.03 -15.11 9.80
CA GLN D 277 -25.48 -14.89 9.75
C GLN D 277 -25.82 -13.72 8.84
N ARG D 278 -25.17 -12.57 9.05
CA ARG D 278 -25.38 -11.43 8.15
C ARG D 278 -24.90 -11.79 6.74
N GLY D 279 -23.60 -12.12 6.62
CA GLY D 279 -22.90 -12.20 5.34
C GLY D 279 -21.76 -11.19 5.29
N LYS D 280 -22.10 -9.91 5.53
CA LYS D 280 -21.18 -8.75 5.38
C LYS D 280 -20.42 -8.30 6.65
N VAL D 281 -19.11 -8.02 6.52
CA VAL D 281 -18.25 -7.66 7.66
C VAL D 281 -18.60 -6.30 8.29
N PHE D 282 -18.26 -5.20 7.61
CA PHE D 282 -18.67 -3.86 8.05
C PHE D 282 -19.98 -3.46 7.35
#